data_8HIW
#
_entry.id   8HIW
#
_cell.length_a   1.00
_cell.length_b   1.00
_cell.length_c   1.00
_cell.angle_alpha   90.00
_cell.angle_beta   90.00
_cell.angle_gamma   90.00
#
_symmetry.space_group_name_H-M   'P 1'
#
loop_
_entity.id
_entity.type
_entity.pdbx_description
1 polymer 'Aluminum-activated malate transporter 9'
2 non-polymer 'CITRIC ACID'
#
_entity_poly.entity_id   1
_entity_poly.type   'polypeptide(L)'
_entity_poly.pdbx_seq_one_letter_code
;MAAKQGSFRHGILEKRERLLSNNGFSDFRFTDIESNDLLENENCGRRTRLCCCCSCGNLSEKISGVYDDAKDVARKAWEM
GVSDPRKIVFSAKIGLALTIVALLIFYQEPNPDLSRYSVWAILTVVVVFEFTIGATLSKGFNRALGTLSAGGLALGMAEL
STLFGDWEEIFCTLSIFCIGFLATFMKLYPSMKAYEYGFRVFLLTYCYILISGFRTGQFIEVAISRFLLIALGAGVSLGV
NMFIYPIWAGEDLHNLVVKNFMNVATSLEGCVNGYLRCLEYERIPSKILTYQASEDPVYKGYRSAVESTSQEESLMSFAI
WEPPHGPYKSFNYPWKNYVKLSGALKHCAFTVMALHGCILSEIQAPEERRQVFRQELQRVGVEGAKLLRELGEKVKKMEK
LGPVDLLFEVHLAAEELQHKIDKKSYLLVNSECWEIGNRATKESEPQELLSLEDSDPPENHAPPIYAFKSLSEAVLEIPP
SWGEKNHREALNHRPTFSKQVSWPARLVLPPHLETTNGASPLVETTKTYESASALSLATFASLLIEFVARLQNVVDAFKE
LSQKANFKEPEIVTTGTDVEFSGERVGLGQKIRRCFGM
;
_entity_poly.pdbx_strand_id   A,B
#
loop_
_chem_comp.id
_chem_comp.type
_chem_comp.name
_chem_comp.formula
CIT non-polymer 'CITRIC ACID' 'C6 H8 O7'
#
# COMPACT_ATOMS: atom_id res chain seq x y z
N TYR A 67 -1.40 -29.84 15.53
CA TYR A 67 -1.09 -30.63 14.34
C TYR A 67 -2.06 -30.32 13.21
N ASP A 68 -3.33 -30.11 13.55
CA ASP A 68 -4.32 -29.76 12.53
C ASP A 68 -4.06 -28.37 11.95
N ASP A 69 -3.63 -27.43 12.80
CA ASP A 69 -3.27 -26.11 12.29
C ASP A 69 -2.05 -26.18 11.39
N ALA A 70 -1.06 -27.01 11.76
CA ALA A 70 0.12 -27.18 10.92
C ALA A 70 -0.23 -27.78 9.57
N LYS A 71 -1.32 -28.55 9.49
CA LYS A 71 -1.78 -29.07 8.22
C LYS A 71 -2.15 -27.93 7.26
N ASP A 72 -2.80 -26.90 7.78
CA ASP A 72 -3.17 -25.75 6.95
C ASP A 72 -1.93 -25.05 6.43
N VAL A 73 -0.89 -24.90 7.27
CA VAL A 73 0.32 -24.22 6.84
C VAL A 73 0.96 -24.96 5.67
N ALA A 74 1.03 -26.29 5.75
CA ALA A 74 1.46 -27.08 4.60
C ALA A 74 0.48 -26.93 3.45
N ARG A 75 -0.82 -26.94 3.75
CA ARG A 75 -1.83 -26.74 2.71
C ARG A 75 -1.71 -25.35 2.09
N LYS A 76 -1.51 -24.33 2.92
CA LYS A 76 -1.38 -22.96 2.40
C LYS A 76 -0.27 -22.88 1.37
N ALA A 77 0.89 -23.45 1.66
CA ALA A 77 1.98 -23.47 0.70
C ALA A 77 1.59 -24.27 -0.54
N TRP A 78 0.96 -25.43 -0.35
CA TRP A 78 0.53 -26.23 -1.49
C TRP A 78 -0.57 -25.52 -2.28
N GLU A 79 -1.56 -24.96 -1.58
CA GLU A 79 -2.69 -24.32 -2.26
C GLU A 79 -2.23 -23.11 -3.06
N MET A 80 -1.37 -22.26 -2.46
CA MET A 80 -0.81 -21.16 -3.24
C MET A 80 0.19 -21.67 -4.26
N GLY A 81 0.71 -22.88 -4.06
CA GLY A 81 1.66 -23.47 -4.98
C GLY A 81 1.02 -24.04 -6.23
N VAL A 82 0.09 -24.98 -6.04
CA VAL A 82 -0.55 -25.61 -7.19
C VAL A 82 -1.39 -24.61 -7.98
N SER A 83 -2.02 -23.65 -7.29
CA SER A 83 -2.79 -22.63 -7.98
C SER A 83 -1.88 -21.72 -8.82
N ASP A 84 -0.78 -21.28 -8.24
CA ASP A 84 0.16 -20.38 -8.92
C ASP A 84 1.55 -21.00 -8.91
N PRO A 85 1.98 -21.61 -10.02
CA PRO A 85 3.36 -22.13 -10.07
C PRO A 85 4.35 -21.04 -10.47
N ARG A 86 4.20 -19.86 -9.87
CA ARG A 86 5.14 -18.77 -10.05
C ARG A 86 5.95 -18.47 -8.80
N LYS A 87 5.53 -18.97 -7.65
CA LYS A 87 6.28 -18.84 -6.41
C LYS A 87 7.35 -19.91 -6.28
N ILE A 88 7.00 -21.16 -6.57
CA ILE A 88 7.97 -22.25 -6.50
C ILE A 88 9.11 -21.98 -7.46
N VAL A 89 8.79 -21.54 -8.68
CA VAL A 89 9.84 -21.28 -9.67
C VAL A 89 10.70 -20.11 -9.23
N PHE A 90 10.11 -19.08 -8.61
CA PHE A 90 10.92 -17.96 -8.16
C PHE A 90 11.86 -18.37 -7.05
N SER A 91 11.37 -19.14 -6.08
CA SER A 91 12.24 -19.59 -4.99
C SER A 91 13.33 -20.51 -5.53
N ALA A 92 12.99 -21.33 -6.53
CA ALA A 92 14.01 -22.16 -7.16
C ALA A 92 15.06 -21.31 -7.84
N LYS A 93 14.64 -20.22 -8.49
CA LYS A 93 15.60 -19.34 -9.16
C LYS A 93 16.53 -18.66 -8.16
N ILE A 94 15.99 -18.17 -7.04
CA ILE A 94 16.86 -17.49 -6.08
C ILE A 94 17.77 -18.50 -5.39
N GLY A 95 17.26 -19.70 -5.08
CA GLY A 95 18.12 -20.72 -4.53
C GLY A 95 19.23 -21.10 -5.48
N LEU A 96 18.91 -21.24 -6.77
CA LEU A 96 19.93 -21.58 -7.75
C LEU A 96 20.98 -20.49 -7.83
N ALA A 97 20.56 -19.23 -7.81
CA ALA A 97 21.54 -18.14 -7.87
C ALA A 97 22.47 -18.17 -6.66
N LEU A 98 21.90 -18.37 -5.47
CA LEU A 98 22.71 -18.38 -4.25
C LEU A 98 23.68 -19.56 -4.24
N THR A 99 23.22 -20.75 -4.60
CA THR A 99 24.12 -21.88 -4.60
C THR A 99 25.14 -21.83 -5.72
N ILE A 100 24.83 -21.17 -6.85
CA ILE A 100 25.81 -21.03 -7.92
C ILE A 100 26.90 -20.05 -7.52
N VAL A 101 26.53 -18.95 -6.87
CA VAL A 101 27.55 -18.06 -6.35
C VAL A 101 28.42 -18.76 -5.32
N ALA A 102 27.80 -19.51 -4.40
CA ALA A 102 28.57 -20.21 -3.38
C ALA A 102 29.47 -21.28 -3.99
N LEU A 103 28.96 -22.03 -4.97
CA LEU A 103 29.74 -23.05 -5.64
C LEU A 103 30.91 -22.43 -6.38
N LEU A 104 30.70 -21.26 -6.96
CA LEU A 104 31.76 -20.56 -7.67
C LEU A 104 32.84 -20.10 -6.70
N ILE A 105 32.43 -19.63 -5.51
CA ILE A 105 33.38 -19.20 -4.51
C ILE A 105 34.20 -20.38 -4.02
N PHE A 106 33.54 -21.45 -3.62
CA PHE A 106 34.25 -22.54 -2.94
C PHE A 106 35.08 -23.36 -3.90
N TYR A 107 34.54 -23.67 -5.08
CA TYR A 107 35.21 -24.63 -5.95
C TYR A 107 36.10 -23.97 -7.00
N GLN A 108 35.79 -22.74 -7.39
CA GLN A 108 36.56 -22.03 -8.42
C GLN A 108 37.41 -20.89 -7.88
N GLU A 109 37.13 -20.41 -6.67
CA GLU A 109 37.96 -19.38 -6.06
C GLU A 109 38.33 -19.76 -4.63
N PRO A 110 39.05 -20.87 -4.43
CA PRO A 110 39.36 -21.29 -3.06
C PRO A 110 40.61 -20.61 -2.51
N ASN A 111 41.33 -19.90 -3.36
CA ASN A 111 42.55 -19.23 -2.94
C ASN A 111 42.22 -18.05 -2.03
N PRO A 112 42.77 -18.01 -0.82
CA PRO A 112 42.47 -16.89 0.10
C PRO A 112 43.32 -15.66 -0.18
N ASP A 113 44.00 -15.63 -1.33
CA ASP A 113 44.87 -14.51 -1.66
C ASP A 113 43.99 -13.30 -1.35
N LEU A 114 42.75 -13.40 -2.02
CA LEU A 114 41.39 -12.53 -2.00
C LEU A 114 39.73 -12.91 -1.92
N SER A 115 39.45 -13.88 -1.11
CA SER A 115 38.05 -14.36 -0.91
C SER A 115 37.03 -13.75 0.18
N ARG A 116 37.57 -12.78 0.82
CA ARG A 116 36.81 -12.07 1.69
C ARG A 116 35.82 -11.25 1.12
N TYR A 117 36.17 -10.71 0.07
CA TYR A 117 35.11 -10.01 -0.32
C TYR A 117 34.19 -10.96 -0.98
N SER A 118 34.31 -12.23 -0.77
CA SER A 118 33.39 -13.12 -1.45
C SER A 118 32.02 -13.30 -1.06
N VAL A 119 31.76 -12.64 0.01
CA VAL A 119 30.55 -12.49 0.50
C VAL A 119 30.00 -11.45 -0.29
N TRP A 120 30.56 -10.48 -0.97
CA TRP A 120 29.86 -9.51 -1.83
C TRP A 120 29.26 -10.17 -2.80
N ALA A 121 29.92 -11.05 -3.42
CA ALA A 121 29.22 -11.82 -4.38
C ALA A 121 27.91 -12.58 -3.90
N ILE A 122 27.85 -13.44 -2.87
CA ILE A 122 26.50 -13.98 -2.42
C ILE A 122 25.53 -13.03 -1.75
N LEU A 123 25.92 -11.95 -1.16
CA LEU A 123 25.00 -11.07 -0.61
C LEU A 123 24.53 -10.19 -1.57
N THR A 124 25.16 -9.90 -2.67
CA THR A 124 24.49 -9.14 -3.72
C THR A 124 23.55 -9.94 -4.42
N VAL A 125 23.62 -11.27 -4.58
CA VAL A 125 22.56 -11.92 -5.26
C VAL A 125 21.47 -11.82 -4.40
N VAL A 126 21.48 -12.01 -3.09
CA VAL A 126 20.31 -11.92 -2.31
C VAL A 126 19.82 -10.65 -2.34
N VAL A 127 20.55 -9.57 -2.33
CA VAL A 127 19.91 -8.19 -2.28
C VAL A 127 19.44 -7.61 -3.50
N VAL A 128 19.61 -8.23 -4.64
CA VAL A 128 19.02 -7.70 -5.81
C VAL A 128 18.52 -8.74 -6.66
N PHE A 129 17.72 -9.62 -6.12
CA PHE A 129 16.93 -10.49 -7.07
C PHE A 129 15.45 -10.33 -6.83
N GLU A 130 14.51 -9.82 -7.75
CA GLU A 130 13.10 -9.61 -7.47
C GLU A 130 12.22 -10.27 -8.53
N PHE A 131 10.93 -10.37 -8.17
CA PHE A 131 10.02 -11.30 -8.82
C PHE A 131 9.96 -11.08 -10.33
N THR A 132 9.86 -9.82 -10.75
CA THR A 132 9.62 -9.49 -12.15
C THR A 132 10.86 -8.87 -12.77
N ILE A 133 11.14 -9.28 -14.02
CA ILE A 133 12.30 -8.79 -14.74
C ILE A 133 12.35 -7.27 -14.68
N GLY A 134 11.21 -6.62 -14.92
CA GLY A 134 11.18 -5.17 -14.81
C GLY A 134 11.62 -4.68 -13.45
N ALA A 135 11.13 -5.33 -12.39
CA ALA A 135 11.46 -4.89 -11.05
C ALA A 135 12.94 -5.08 -10.75
N THR A 136 13.46 -6.28 -11.04
CA THR A 136 14.87 -6.54 -10.83
C THR A 136 15.72 -5.52 -11.59
N LEU A 137 15.36 -5.26 -12.84
CA LEU A 137 16.22 -4.45 -13.69
C LEU A 137 16.17 -2.99 -13.29
N SER A 138 14.97 -2.45 -13.02
CA SER A 138 14.86 -1.05 -12.63
C SER A 138 15.42 -0.81 -11.24
N LYS A 139 15.16 -1.71 -10.31
CA LYS A 139 15.68 -1.53 -8.96
C LYS A 139 17.19 -1.72 -8.92
N GLY A 140 17.73 -2.59 -9.77
CA GLY A 140 19.17 -2.65 -9.93
C GLY A 140 19.72 -1.35 -10.50
N PHE A 141 19.01 -0.75 -11.46
CA PHE A 141 19.47 0.52 -12.02
C PHE A 141 19.45 1.62 -10.97
N ASN A 142 18.39 1.69 -10.17
CA ASN A 142 18.33 2.73 -9.14
C ASN A 142 19.39 2.53 -8.06
N ARG A 143 19.58 1.29 -7.62
CA ARG A 143 20.63 1.05 -6.63
C ARG A 143 22.01 1.28 -7.22
N ALA A 144 22.21 0.98 -8.49
CA ALA A 144 23.50 1.26 -9.11
C ALA A 144 23.75 2.75 -9.22
N LEU A 145 22.72 3.54 -9.55
CA LEU A 145 22.88 4.99 -9.55
C LEU A 145 23.19 5.51 -8.14
N GLY A 146 22.49 5.01 -7.13
CA GLY A 146 22.79 5.43 -5.78
C GLY A 146 24.21 5.08 -5.38
N THR A 147 24.63 3.84 -5.64
CA THR A 147 25.96 3.40 -5.23
C THR A 147 27.05 4.12 -6.01
N LEU A 148 26.88 4.30 -7.32
CA LEU A 148 27.92 4.96 -8.12
C LEU A 148 27.97 6.45 -7.85
N SER A 149 26.82 7.07 -7.55
CA SER A 149 26.83 8.47 -7.17
C SER A 149 27.52 8.67 -5.83
N ALA A 150 27.20 7.82 -4.85
CA ALA A 150 27.93 7.84 -3.59
C ALA A 150 29.40 7.57 -3.82
N GLY A 151 29.74 6.71 -4.78
CA GLY A 151 31.13 6.43 -5.05
C GLY A 151 31.89 7.64 -5.59
N GLY A 152 31.34 8.28 -6.62
CA GLY A 152 32.02 9.45 -7.17
C GLY A 152 32.11 10.58 -6.18
N LEU A 153 30.99 10.90 -5.52
CA LEU A 153 30.99 12.00 -4.56
C LEU A 153 31.85 11.69 -3.34
N ALA A 154 31.80 10.45 -2.86
CA ALA A 154 32.58 10.04 -1.71
C ALA A 154 34.06 9.98 -2.02
N LEU A 155 34.45 9.55 -3.22
CA LEU A 155 35.88 9.55 -3.55
C LEU A 155 36.42 10.96 -3.72
N GLY A 156 35.61 11.87 -4.29
CA GLY A 156 36.01 13.27 -4.26
C GLY A 156 36.22 13.75 -2.84
N MET A 157 35.22 13.49 -1.98
CA MET A 157 35.35 13.82 -0.57
C MET A 157 36.47 13.06 0.10
N ALA A 158 36.93 11.95 -0.47
CA ALA A 158 37.97 11.15 0.17
C ALA A 158 39.35 11.71 -0.12
N GLU A 159 39.62 12.07 -1.38
CA GLU A 159 40.87 12.77 -1.67
C GLU A 159 40.92 14.09 -0.92
N LEU A 160 39.80 14.82 -0.90
CA LEU A 160 39.76 16.02 -0.07
C LEU A 160 40.00 15.69 1.38
N SER A 161 39.30 14.67 1.89
CA SER A 161 39.33 14.31 3.30
C SER A 161 40.66 13.72 3.73
N THR A 162 41.55 13.44 2.79
CA THR A 162 42.94 13.21 3.18
C THR A 162 43.73 14.51 3.16
N LEU A 163 43.38 15.44 2.27
CA LEU A 163 44.03 16.75 2.30
C LEU A 163 43.80 17.43 3.64
N PHE A 164 44.85 18.04 4.18
CA PHE A 164 44.79 18.81 5.43
C PHE A 164 43.86 20.01 5.31
N TRP A 167 42.94 18.41 10.50
CA TRP A 167 41.62 18.32 11.11
C TRP A 167 40.70 17.45 10.26
N GLU A 168 41.28 16.45 9.62
CA GLU A 168 40.46 15.69 8.68
C GLU A 168 39.51 14.73 9.36
N GLU A 169 39.77 14.35 10.61
CA GLU A 169 38.76 13.57 11.32
C GLU A 169 37.48 14.38 11.50
N ILE A 170 37.61 15.65 11.89
CA ILE A 170 36.40 16.46 12.07
C ILE A 170 35.75 16.76 10.74
N PHE A 171 36.54 17.00 9.70
CA PHE A 171 35.91 17.23 8.40
C PHE A 171 35.18 16.00 7.93
N CYS A 172 35.74 14.81 8.17
CA CYS A 172 35.10 13.58 7.71
C CYS A 172 33.93 13.18 8.61
N THR A 173 33.83 13.74 9.81
CA THR A 173 32.63 13.55 10.61
C THR A 173 31.50 14.44 10.11
N LEU A 174 31.79 15.72 9.89
CA LEU A 174 30.79 16.61 9.31
C LEU A 174 30.37 16.17 7.91
N SER A 175 31.27 15.57 7.15
CA SER A 175 30.96 15.08 5.82
C SER A 175 30.00 13.90 5.82
N ILE A 176 29.75 13.29 6.98
CA ILE A 176 28.75 12.24 7.07
C ILE A 176 27.50 12.71 7.79
N PHE A 177 27.61 13.67 8.69
CA PHE A 177 26.40 14.35 9.15
C PHE A 177 25.64 15.00 8.00
N CYS A 178 26.36 15.69 7.11
CA CYS A 178 25.70 16.42 6.02
C CYS A 178 25.00 15.47 5.08
N ILE A 179 25.68 14.39 4.69
CA ILE A 179 25.05 13.43 3.78
C ILE A 179 23.85 12.77 4.44
N GLY A 180 23.96 12.37 5.72
CA GLY A 180 22.82 11.77 6.37
C GLY A 180 21.64 12.69 6.38
N PHE A 181 21.85 13.94 6.77
CA PHE A 181 20.74 14.88 6.89
C PHE A 181 20.12 15.16 5.54
N LEU A 182 20.93 15.45 4.52
CA LEU A 182 20.34 15.78 3.23
C LEU A 182 19.59 14.59 2.64
N ALA A 183 20.18 13.39 2.68
CA ALA A 183 19.52 12.23 2.06
C ALA A 183 18.28 11.79 2.82
N THR A 184 18.23 12.02 4.14
CA THR A 184 17.04 11.64 4.89
C THR A 184 15.77 12.28 4.34
N PHE A 185 15.78 13.60 4.14
CA PHE A 185 14.57 14.24 3.62
C PHE A 185 14.14 13.67 2.28
N MET A 186 15.02 13.71 1.28
CA MET A 186 14.57 13.21 -0.01
C MET A 186 14.15 11.75 0.06
N LYS A 187 14.57 11.00 1.09
CA LYS A 187 13.93 9.72 1.35
C LYS A 187 12.51 9.92 1.88
N LEU A 188 12.31 10.87 2.79
CA LEU A 188 11.03 11.04 3.48
C LEU A 188 10.03 11.90 2.73
N TYR A 189 10.42 12.53 1.63
CA TYR A 189 9.49 13.38 0.90
C TYR A 189 8.33 12.55 0.38
N PRO A 190 7.11 13.11 0.36
CA PRO A 190 5.95 12.31 -0.07
C PRO A 190 6.07 11.75 -1.47
N SER A 191 6.64 12.51 -2.41
CA SER A 191 6.76 12.02 -3.78
C SER A 191 7.70 10.83 -3.86
N MET A 192 8.89 10.94 -3.29
CA MET A 192 9.88 9.86 -3.33
C MET A 192 9.58 8.86 -2.22
N LYS A 193 8.47 8.14 -2.39
CA LYS A 193 8.05 7.12 -1.44
C LYS A 193 8.43 5.71 -1.87
N ALA A 194 8.47 5.44 -3.17
CA ALA A 194 8.94 4.16 -3.66
C ALA A 194 10.42 4.17 -4.00
N TYR A 195 10.99 5.35 -4.24
CA TYR A 195 12.43 5.51 -4.42
C TYR A 195 13.09 5.69 -3.06
N GLU A 196 12.77 4.77 -2.15
CA GLU A 196 13.29 4.74 -0.79
C GLU A 196 14.50 3.82 -0.65
N TYR A 197 14.47 2.68 -1.33
CA TYR A 197 15.63 1.81 -1.37
C TYR A 197 16.84 2.51 -1.99
N GLY A 198 16.61 3.40 -2.96
CA GLY A 198 17.71 4.14 -3.54
C GLY A 198 18.38 5.05 -2.53
N PHE A 199 17.58 5.75 -1.72
CA PHE A 199 18.17 6.63 -0.72
C PHE A 199 18.81 5.86 0.41
N ARG A 200 18.27 4.69 0.75
CA ARG A 200 18.94 3.86 1.75
C ARG A 200 20.29 3.37 1.24
N VAL A 201 20.35 2.89 -0.01
CA VAL A 201 21.62 2.38 -0.54
C VAL A 201 22.56 3.50 -0.98
N PHE A 202 22.09 4.75 -1.00
CA PHE A 202 23.00 5.87 -1.17
C PHE A 202 23.56 6.36 0.17
N LEU A 203 22.70 6.56 1.17
CA LEU A 203 23.17 6.94 2.49
C LEU A 203 24.06 5.86 3.09
N LEU A 204 23.81 4.60 2.77
CA LEU A 204 24.54 3.47 3.33
C LEU A 204 25.78 3.10 2.52
N THR A 205 25.95 3.69 1.33
CA THR A 205 27.17 3.50 0.55
C THR A 205 28.13 4.65 0.69
N TYR A 206 27.64 5.88 0.79
CA TYR A 206 28.49 6.99 1.19
C TYR A 206 29.23 6.67 2.48
N CYS A 207 28.50 6.18 3.49
CA CYS A 207 29.10 5.90 4.78
C CYS A 207 30.20 4.85 4.68
N TYR A 208 29.91 3.75 4.00
CA TYR A 208 30.89 2.66 3.91
C TYR A 208 32.12 3.10 3.15
N ILE A 209 31.93 3.70 1.97
CA ILE A 209 33.08 4.14 1.20
C ILE A 209 33.89 5.13 1.99
N LEU A 210 33.24 6.06 2.69
CA LEU A 210 33.98 7.11 3.38
C LEU A 210 34.78 6.58 4.57
N ILE A 211 34.19 5.70 5.39
CA ILE A 211 34.94 5.12 6.48
C ILE A 211 36.11 4.29 5.96
N SER A 212 35.84 3.41 4.98
CA SER A 212 36.90 2.56 4.48
C SER A 212 37.99 3.38 3.82
N GLY A 213 37.63 4.50 3.20
CA GLY A 213 38.61 5.31 2.50
C GLY A 213 39.43 6.16 3.45
N PHE A 214 38.81 6.61 4.53
CA PHE A 214 39.59 7.26 5.59
C PHE A 214 40.54 6.28 6.23
N ARG A 215 40.15 5.00 6.27
CA ARG A 215 41.03 4.00 6.86
C ARG A 215 42.20 3.64 5.94
N THR A 216 41.95 3.49 4.65
CA THR A 216 42.94 2.93 3.72
C THR A 216 43.53 4.02 2.84
N GLY A 217 44.77 3.78 2.41
CA GLY A 217 45.51 4.81 1.67
C GLY A 217 45.04 4.96 0.23
N GLN A 218 45.21 3.93 -0.58
CA GLN A 218 44.83 3.96 -1.99
C GLN A 218 43.59 3.09 -2.16
N PHE A 219 42.42 3.67 -1.91
CA PHE A 219 41.20 2.88 -1.92
C PHE A 219 40.79 2.43 -3.30
N ILE A 220 41.15 3.15 -4.36
CA ILE A 220 40.45 3.00 -5.62
C ILE A 220 40.65 1.61 -6.21
N GLU A 221 41.78 0.95 -5.93
CA GLU A 221 41.95 -0.42 -6.41
C GLU A 221 41.00 -1.37 -5.69
N VAL A 222 40.83 -1.22 -4.37
CA VAL A 222 39.87 -2.02 -3.63
C VAL A 222 38.44 -1.68 -4.00
N ALA A 223 38.14 -0.43 -4.33
CA ALA A 223 36.84 -0.07 -4.87
C ALA A 223 36.58 -0.70 -6.23
N ILE A 224 37.60 -0.77 -7.09
CA ILE A 224 37.47 -1.47 -8.36
C ILE A 224 37.17 -2.95 -8.12
N SER A 225 37.90 -3.56 -7.19
CA SER A 225 37.64 -4.95 -6.86
C SER A 225 36.24 -5.15 -6.33
N ARG A 226 35.76 -4.25 -5.46
CA ARG A 226 34.41 -4.39 -4.93
C ARG A 226 33.38 -4.24 -6.05
N PHE A 227 33.65 -3.37 -7.02
CA PHE A 227 32.69 -3.23 -8.10
C PHE A 227 32.67 -4.46 -8.99
N LEU A 228 33.84 -5.08 -9.26
CA LEU A 228 33.76 -6.29 -10.09
C LEU A 228 33.18 -7.44 -9.29
N LEU A 229 33.24 -7.39 -7.96
CA LEU A 229 32.54 -8.40 -7.17
C LEU A 229 31.03 -8.19 -7.22
N ILE A 230 30.59 -6.95 -7.15
CA ILE A 230 29.14 -6.68 -7.17
C ILE A 230 28.68 -6.62 -8.62
N ALA A 231 29.57 -6.94 -9.56
CA ALA A 231 29.20 -7.14 -10.96
C ALA A 231 29.31 -8.61 -11.34
N LEU A 232 30.02 -9.38 -10.52
CA LEU A 232 30.03 -10.84 -10.60
C LEU A 232 28.88 -11.48 -9.83
N GLY A 233 28.36 -10.76 -8.83
CA GLY A 233 27.14 -11.22 -8.19
C GLY A 233 25.91 -10.85 -8.99
N ALA A 234 25.71 -9.55 -9.22
CA ALA A 234 24.55 -9.08 -9.97
C ALA A 234 24.53 -9.58 -11.41
N GLY A 235 25.68 -9.89 -12.00
CA GLY A 235 25.67 -10.49 -13.33
C GLY A 235 24.93 -11.81 -13.36
N VAL A 236 25.31 -12.73 -12.47
CA VAL A 236 24.60 -14.00 -12.37
C VAL A 236 23.17 -13.78 -11.92
N SER A 237 22.94 -12.80 -11.05
CA SER A 237 21.58 -12.49 -10.61
C SER A 237 20.67 -12.20 -11.81
N LEU A 238 21.03 -11.18 -12.59
CA LEU A 238 20.21 -10.82 -13.74
C LEU A 238 20.16 -11.96 -14.76
N GLY A 239 21.28 -12.64 -15.01
CA GLY A 239 21.27 -13.70 -16.00
C GLY A 239 20.32 -14.83 -15.65
N VAL A 240 20.38 -15.32 -14.42
CA VAL A 240 19.48 -16.38 -14.01
C VAL A 240 18.05 -15.89 -13.97
N ASN A 241 17.81 -14.65 -13.57
CA ASN A 241 16.45 -14.15 -13.51
C ASN A 241 15.84 -13.98 -14.88
N MET A 242 16.62 -13.59 -15.89
CA MET A 242 16.10 -13.30 -17.22
C MET A 242 16.08 -14.51 -18.15
N PHE A 243 17.03 -15.44 -18.04
CA PHE A 243 17.10 -16.53 -19.01
C PHE A 243 16.37 -17.78 -18.55
N ILE A 244 16.48 -18.16 -17.28
CA ILE A 244 15.87 -19.38 -16.77
C ILE A 244 14.45 -19.04 -16.35
N TYR A 245 13.49 -19.30 -17.26
CA TYR A 245 12.06 -19.13 -16.99
C TYR A 245 11.78 -17.74 -16.43
N PRO A 246 11.83 -16.70 -17.26
CA PRO A 246 11.63 -15.34 -16.74
C PRO A 246 10.19 -15.14 -16.32
N ILE A 247 9.99 -14.12 -15.50
CA ILE A 247 8.68 -13.74 -14.99
C ILE A 247 8.53 -12.26 -15.24
N TRP A 248 7.88 -11.89 -16.34
CA TRP A 248 7.84 -10.50 -16.75
C TRP A 248 6.93 -9.68 -15.85
N ALA A 249 6.98 -8.36 -16.04
CA ALA A 249 6.05 -7.45 -15.37
C ALA A 249 5.13 -6.78 -16.36
N GLY A 250 5.14 -7.20 -17.61
CA GLY A 250 4.18 -6.72 -18.58
C GLY A 250 2.95 -7.58 -18.58
N GLU A 251 3.14 -8.89 -18.61
CA GLU A 251 2.03 -9.83 -18.57
C GLU A 251 1.59 -10.15 -17.15
N ASP A 252 2.25 -9.57 -16.15
CA ASP A 252 1.66 -9.51 -14.81
C ASP A 252 0.66 -8.38 -14.69
N LEU A 253 0.57 -7.53 -15.71
CA LEU A 253 -0.38 -6.43 -15.77
C LEU A 253 -1.47 -6.66 -16.81
N HIS A 254 -1.14 -7.32 -17.92
CA HIS A 254 -2.18 -7.71 -18.86
C HIS A 254 -3.09 -8.77 -18.27
N ASN A 255 -2.55 -9.61 -17.37
CA ASN A 255 -3.36 -10.59 -16.66
C ASN A 255 -4.04 -10.01 -15.43
N LEU A 256 -3.81 -8.74 -15.13
CA LEU A 256 -4.46 -8.05 -14.02
C LEU A 256 -5.54 -7.09 -14.50
N VAL A 257 -5.35 -6.44 -15.65
CA VAL A 257 -6.41 -5.63 -16.22
C VAL A 257 -7.56 -6.49 -16.68
N VAL A 258 -7.33 -7.79 -16.94
CA VAL A 258 -8.39 -8.70 -17.33
C VAL A 258 -8.93 -9.48 -16.15
N LYS A 259 -8.28 -9.42 -14.99
CA LYS A 259 -8.82 -10.06 -13.81
C LYS A 259 -9.95 -9.23 -13.21
N ASN A 260 -9.85 -7.89 -13.29
CA ASN A 260 -10.86 -7.05 -12.68
C ASN A 260 -12.21 -7.17 -13.37
N PHE A 261 -12.23 -7.43 -14.67
CA PHE A 261 -13.49 -7.71 -15.35
C PHE A 261 -14.16 -8.94 -14.76
N MET A 262 -13.37 -9.93 -14.36
CA MET A 262 -13.96 -11.18 -13.87
C MET A 262 -14.49 -11.05 -12.45
N ASN A 263 -13.87 -10.21 -11.61
CA ASN A 263 -14.36 -10.05 -10.24
C ASN A 263 -15.16 -8.78 -10.05
N VAL A 264 -15.53 -8.10 -11.14
CA VAL A 264 -16.56 -7.08 -11.11
C VAL A 264 -17.87 -7.58 -11.70
N ALA A 265 -17.81 -8.43 -12.72
CA ALA A 265 -19.04 -9.00 -13.26
C ALA A 265 -19.75 -9.88 -12.25
N THR A 266 -18.99 -10.51 -11.35
CA THR A 266 -19.61 -11.25 -10.26
C THR A 266 -20.07 -10.32 -9.15
N SER A 267 -19.33 -9.24 -8.90
CA SER A 267 -19.78 -8.25 -7.92
C SER A 267 -21.08 -7.60 -8.38
N LEU A 268 -21.19 -7.28 -9.66
CA LEU A 268 -22.47 -6.83 -10.20
C LEU A 268 -23.53 -7.91 -10.05
N GLU A 269 -23.19 -9.16 -10.37
CA GLU A 269 -24.19 -10.22 -10.28
C GLU A 269 -24.45 -10.59 -8.83
N GLY A 270 -23.46 -10.46 -7.96
CA GLY A 270 -23.70 -10.71 -6.55
C GLY A 270 -24.62 -9.68 -5.93
N CYS A 271 -24.41 -8.40 -6.24
CA CYS A 271 -25.21 -7.33 -5.64
C CYS A 271 -26.61 -7.25 -6.22
N VAL A 272 -26.80 -7.64 -7.48
CA VAL A 272 -28.15 -7.70 -8.04
C VAL A 272 -28.90 -8.90 -7.49
N ASN A 273 -28.21 -10.02 -7.30
CA ASN A 273 -28.88 -11.23 -6.85
C ASN A 273 -28.86 -11.41 -5.34
N GLY A 274 -27.96 -10.74 -4.64
CA GLY A 274 -28.04 -10.71 -3.19
C GLY A 274 -29.12 -9.81 -2.67
N TYR A 275 -29.52 -8.81 -3.47
CA TYR A 275 -30.57 -7.89 -3.06
C TYR A 275 -31.92 -8.59 -2.97
N LEU A 276 -32.09 -9.67 -3.72
CA LEU A 276 -33.40 -10.29 -3.87
C LEU A 276 -33.52 -11.64 -3.19
N ARG A 277 -32.41 -12.25 -2.77
CA ARG A 277 -32.40 -13.63 -2.29
C ARG A 277 -32.94 -13.68 -0.87
N CYS A 278 -34.25 -13.85 -0.76
CA CYS A 278 -34.91 -14.07 0.52
C CYS A 278 -36.29 -14.65 0.25
N LEU A 279 -37.12 -14.70 1.29
CA LEU A 279 -38.50 -15.15 1.14
C LEU A 279 -39.35 -14.71 2.32
N ASP A 296 -17.20 -11.63 2.74
CA ASP A 296 -18.23 -11.87 1.74
C ASP A 296 -17.63 -12.01 0.36
N PRO A 297 -18.18 -12.91 -0.46
CA PRO A 297 -17.66 -13.07 -1.82
C PRO A 297 -17.79 -11.81 -2.67
N VAL A 298 -18.83 -11.01 -2.45
CA VAL A 298 -18.97 -9.76 -3.20
C VAL A 298 -17.94 -8.74 -2.72
N TYR A 299 -17.73 -8.66 -1.40
CA TYR A 299 -16.84 -7.63 -0.87
C TYR A 299 -15.40 -7.85 -1.27
N LYS A 300 -15.02 -9.09 -1.57
CA LYS A 300 -13.71 -9.35 -2.14
C LYS A 300 -13.69 -9.18 -3.65
N GLY A 301 -14.85 -9.08 -4.28
CA GLY A 301 -14.92 -8.91 -5.72
C GLY A 301 -14.50 -7.53 -6.20
N TYR A 302 -15.28 -6.51 -5.86
CA TYR A 302 -15.05 -5.18 -6.42
C TYR A 302 -13.92 -4.43 -5.70
N ARG A 303 -13.60 -4.79 -4.46
CA ARG A 303 -12.53 -4.11 -3.76
C ARG A 303 -11.15 -4.48 -4.30
N SER A 304 -11.06 -5.55 -5.08
CA SER A 304 -9.80 -5.87 -5.75
C SER A 304 -9.58 -4.96 -6.96
N ALA A 305 -10.64 -4.67 -7.70
CA ALA A 305 -10.51 -3.79 -8.86
C ALA A 305 -10.16 -2.37 -8.44
N VAL A 306 -10.79 -1.88 -7.36
CA VAL A 306 -10.56 -0.51 -6.93
C VAL A 306 -9.16 -0.35 -6.33
N GLU A 307 -8.69 -1.37 -5.60
CA GLU A 307 -7.41 -1.32 -4.92
C GLU A 307 -6.25 -1.78 -5.81
N SER A 308 -6.40 -1.68 -7.13
CA SER A 308 -5.36 -2.09 -8.05
C SER A 308 -4.71 -0.95 -8.81
N THR A 309 -5.34 0.22 -8.85
CA THR A 309 -4.75 1.36 -9.56
C THR A 309 -3.47 1.82 -8.88
N SER A 310 -3.38 1.68 -7.56
CA SER A 310 -2.12 1.92 -6.88
C SER A 310 -1.09 0.85 -7.20
N GLN A 311 -1.53 -0.30 -7.70
CA GLN A 311 -0.64 -1.39 -8.08
C GLN A 311 -0.30 -1.34 -9.56
N GLU A 312 -1.31 -1.23 -10.42
CA GLU A 312 -1.07 -1.13 -11.85
C GLU A 312 -0.27 0.12 -12.22
N GLU A 313 -0.29 1.15 -11.36
CA GLU A 313 0.56 2.30 -11.60
C GLU A 313 2.01 2.00 -11.25
N SER A 314 2.24 0.96 -10.44
CA SER A 314 3.60 0.48 -10.23
C SER A 314 4.02 -0.44 -11.36
N LEU A 315 3.20 -1.44 -11.68
CA LEU A 315 3.46 -2.31 -12.82
C LEU A 315 3.55 -1.54 -14.12
N MET A 316 3.18 -0.26 -14.14
CA MET A 316 3.45 0.57 -15.30
C MET A 316 4.86 1.15 -15.23
N SER A 317 5.41 1.27 -14.02
CA SER A 317 6.81 1.67 -13.90
C SER A 317 7.75 0.52 -14.22
N PHE A 318 7.39 -0.69 -13.81
CA PHE A 318 8.20 -1.85 -14.14
C PHE A 318 8.04 -2.29 -15.58
N ALA A 319 6.90 -2.01 -16.21
CA ALA A 319 6.63 -2.55 -17.54
C ALA A 319 7.47 -1.90 -18.62
N ILE A 320 7.98 -0.70 -18.39
CA ILE A 320 8.75 -0.02 -19.42
C ILE A 320 10.14 -0.60 -19.57
N TRP A 321 10.61 -1.39 -18.60
CA TRP A 321 11.99 -1.86 -18.58
C TRP A 321 12.21 -3.16 -19.35
N GLU A 322 11.15 -3.87 -19.72
CA GLU A 322 11.34 -5.12 -20.44
C GLU A 322 11.50 -4.88 -21.93
N PRO A 323 12.14 -5.80 -22.62
CA PRO A 323 12.19 -5.74 -24.08
C PRO A 323 10.82 -6.08 -24.68
N PRO A 324 10.69 -6.08 -26.02
CA PRO A 324 9.42 -6.53 -26.61
C PRO A 324 9.23 -8.04 -26.47
N HIS A 325 8.92 -8.49 -25.26
CA HIS A 325 8.92 -9.90 -24.94
C HIS A 325 7.68 -10.57 -25.52
N GLY A 326 7.75 -10.91 -26.80
CA GLY A 326 6.76 -11.77 -27.40
C GLY A 326 5.65 -11.03 -28.13
N PRO A 327 4.41 -11.22 -27.66
CA PRO A 327 3.28 -10.57 -28.34
C PRO A 327 3.36 -9.07 -28.33
N TYR A 328 3.97 -8.47 -27.30
CA TYR A 328 4.02 -7.03 -27.14
C TYR A 328 5.02 -6.48 -28.15
N LYS A 329 4.52 -6.34 -29.38
CA LYS A 329 5.35 -6.28 -30.58
C LYS A 329 6.58 -5.40 -30.46
N SER A 330 6.38 -4.11 -30.23
CA SER A 330 7.44 -3.12 -30.38
C SER A 330 7.71 -2.42 -29.05
N PHE A 331 8.84 -1.73 -29.01
CA PHE A 331 9.15 -0.86 -27.90
C PHE A 331 8.09 0.24 -27.79
N ASN A 332 8.03 0.88 -26.64
CA ASN A 332 6.98 1.84 -26.33
C ASN A 332 5.61 1.21 -26.53
N TYR A 333 5.38 0.08 -25.88
CA TYR A 333 4.07 -0.52 -25.85
C TYR A 333 3.17 0.30 -24.94
N PRO A 334 1.94 0.58 -25.34
CA PRO A 334 1.11 1.50 -24.56
C PRO A 334 0.63 0.91 -23.25
N TRP A 335 1.55 0.74 -22.30
CA TRP A 335 1.14 0.33 -20.96
C TRP A 335 0.63 1.55 -20.22
N LYS A 336 -0.26 2.28 -20.86
CA LYS A 336 -0.77 3.54 -20.35
C LYS A 336 -2.27 3.50 -20.47
N ASN A 337 -2.75 2.64 -21.37
CA ASN A 337 -4.18 2.39 -21.49
C ASN A 337 -4.61 1.23 -20.59
N TYR A 338 -3.70 0.30 -20.30
CA TYR A 338 -4.01 -0.74 -19.33
C TYR A 338 -4.23 -0.15 -17.95
N VAL A 339 -3.74 1.08 -17.72
CA VAL A 339 -4.13 1.82 -16.53
C VAL A 339 -5.22 2.83 -16.87
N LYS A 340 -5.61 2.94 -18.14
CA LYS A 340 -6.74 3.76 -18.53
C LYS A 340 -8.00 2.91 -18.72
N LEU A 341 -7.87 1.73 -19.33
CA LEU A 341 -9.01 0.81 -19.36
C LEU A 341 -9.34 0.34 -17.95
N SER A 342 -8.32 0.01 -17.17
CA SER A 342 -8.54 -0.24 -15.75
C SER A 342 -8.83 1.03 -14.98
N GLY A 343 -8.75 2.18 -15.65
CA GLY A 343 -9.23 3.41 -15.03
C GLY A 343 -10.72 3.60 -15.25
N ALA A 344 -11.19 3.37 -16.46
CA ALA A 344 -12.61 3.50 -16.73
C ALA A 344 -13.42 2.39 -16.09
N LEU A 345 -12.80 1.24 -15.83
CA LEU A 345 -13.48 0.16 -15.12
C LEU A 345 -13.58 0.45 -13.63
N LYS A 346 -12.45 0.83 -13.01
CA LYS A 346 -12.47 1.23 -11.61
C LYS A 346 -13.38 2.43 -11.38
N HIS A 347 -13.65 3.22 -12.43
CA HIS A 347 -14.65 4.27 -12.32
C HIS A 347 -16.06 3.73 -12.53
N CYS A 348 -16.18 2.61 -13.23
CA CYS A 348 -17.47 1.95 -13.40
C CYS A 348 -17.82 1.07 -12.21
N ALA A 349 -16.82 0.66 -11.43
CA ALA A 349 -17.03 -0.11 -10.21
C ALA A 349 -17.19 0.78 -8.98
N PHE A 350 -17.57 2.04 -9.16
CA PHE A 350 -17.95 2.89 -8.05
C PHE A 350 -19.46 3.02 -7.89
N THR A 351 -20.23 2.44 -8.79
CA THR A 351 -21.65 2.23 -8.51
C THR A 351 -21.87 0.89 -7.84
N VAL A 352 -21.17 -0.16 -8.29
CA VAL A 352 -21.28 -1.45 -7.65
C VAL A 352 -20.87 -1.37 -6.18
N MET A 353 -20.05 -0.38 -5.81
CA MET A 353 -19.87 -0.07 -4.40
C MET A 353 -21.18 0.36 -3.77
N ALA A 354 -21.73 1.48 -4.23
CA ALA A 354 -23.00 1.96 -3.70
C ALA A 354 -24.13 0.99 -4.02
N LEU A 355 -23.99 0.19 -5.06
CA LEU A 355 -24.98 -0.84 -5.35
C LEU A 355 -24.98 -1.88 -4.24
N HIS A 356 -23.78 -2.20 -3.71
CA HIS A 356 -23.69 -3.10 -2.56
C HIS A 356 -24.13 -2.41 -1.28
N GLY A 357 -23.78 -1.14 -1.12
CA GLY A 357 -24.15 -0.43 0.09
C GLY A 357 -25.64 -0.43 0.34
N CYS A 358 -26.45 -0.51 -0.71
CA CYS A 358 -27.89 -0.54 -0.53
C CYS A 358 -28.37 -1.82 0.13
N ILE A 359 -27.61 -2.91 -0.01
CA ILE A 359 -27.99 -4.15 0.67
C ILE A 359 -27.41 -4.21 2.08
N LEU A 360 -26.35 -3.47 2.36
CA LEU A 360 -25.81 -3.35 3.70
C LEU A 360 -26.37 -2.17 4.47
N SER A 361 -27.18 -1.33 3.83
CA SER A 361 -27.67 -0.13 4.47
C SER A 361 -28.67 -0.48 5.57
N GLU A 362 -28.70 0.35 6.60
CA GLU A 362 -29.62 0.14 7.70
C GLU A 362 -31.07 0.40 7.31
N ILE A 363 -31.32 0.89 6.09
CA ILE A 363 -32.66 1.10 5.56
C ILE A 363 -32.71 0.48 4.18
N GLN A 364 -33.57 -0.52 4.00
CA GLN A 364 -33.71 -1.19 2.71
C GLN A 364 -35.17 -1.57 2.49
N ALA A 365 -35.52 -1.72 1.22
CA ALA A 365 -36.91 -1.97 0.85
C ALA A 365 -37.37 -3.31 1.40
N PRO A 366 -38.67 -3.48 1.63
CA PRO A 366 -39.16 -4.75 2.17
C PRO A 366 -39.11 -5.84 1.11
N GLU A 367 -39.09 -7.09 1.61
CA GLU A 367 -39.06 -8.24 0.71
C GLU A 367 -40.21 -8.19 -0.28
N GLU A 368 -41.43 -8.02 0.21
CA GLU A 368 -42.60 -8.12 -0.66
C GLU A 368 -42.60 -7.06 -1.75
N ARG A 369 -41.90 -5.95 -1.56
CA ARG A 369 -41.87 -4.91 -2.57
C ARG A 369 -40.69 -5.03 -3.53
N ARG A 370 -39.56 -5.59 -3.07
CA ARG A 370 -38.49 -5.92 -4.00
C ARG A 370 -38.99 -6.87 -5.08
N GLN A 371 -39.69 -7.92 -4.66
CA GLN A 371 -40.16 -8.94 -5.59
C GLN A 371 -41.43 -8.51 -6.30
N VAL A 372 -41.41 -7.30 -6.87
CA VAL A 372 -42.39 -6.88 -7.87
C VAL A 372 -41.59 -6.42 -9.08
N PHE A 373 -40.36 -5.98 -8.84
CA PHE A 373 -39.42 -5.61 -9.88
C PHE A 373 -38.39 -6.71 -10.14
N ARG A 374 -38.77 -7.96 -9.89
CA ARG A 374 -37.79 -9.04 -9.88
C ARG A 374 -37.19 -9.28 -11.26
N GLN A 375 -38.00 -9.19 -12.32
CA GLN A 375 -37.52 -9.54 -13.64
C GLN A 375 -36.51 -8.52 -14.16
N GLU A 376 -36.93 -7.25 -14.25
CA GLU A 376 -36.09 -6.23 -14.85
C GLU A 376 -34.84 -5.96 -14.03
N LEU A 377 -34.97 -5.98 -12.68
CA LEU A 377 -33.78 -5.83 -11.84
C LEU A 377 -32.80 -6.97 -12.07
N GLN A 378 -33.31 -8.19 -12.22
CA GLN A 378 -32.45 -9.30 -12.61
C GLN A 378 -32.00 -9.18 -14.06
N ARG A 379 -32.85 -8.59 -14.90
CA ARG A 379 -32.53 -8.51 -16.32
C ARG A 379 -31.29 -7.67 -16.58
N VAL A 380 -31.15 -6.55 -15.88
CA VAL A 380 -29.95 -5.74 -16.02
C VAL A 380 -28.74 -6.48 -15.45
N GLY A 381 -28.89 -7.10 -14.29
CA GLY A 381 -27.79 -7.83 -13.70
C GLY A 381 -27.33 -9.01 -14.54
N VAL A 382 -28.28 -9.71 -15.17
CA VAL A 382 -27.92 -10.84 -16.00
C VAL A 382 -27.13 -10.38 -17.22
N GLU A 383 -27.75 -9.55 -18.06
CA GLU A 383 -27.06 -9.12 -19.28
C GLU A 383 -25.92 -8.16 -18.99
N GLY A 384 -26.04 -7.37 -17.92
CA GLY A 384 -24.98 -6.42 -17.60
C GLY A 384 -23.67 -7.09 -17.28
N ALA A 385 -23.73 -8.28 -16.67
CA ALA A 385 -22.50 -9.03 -16.41
C ALA A 385 -21.97 -9.68 -17.67
N LYS A 386 -22.86 -10.17 -18.55
CA LYS A 386 -22.41 -10.90 -19.74
C LYS A 386 -21.51 -10.05 -20.60
N LEU A 387 -21.85 -8.78 -20.77
CA LEU A 387 -20.98 -7.87 -21.51
C LEU A 387 -19.66 -7.67 -20.78
N LEU A 388 -19.72 -7.34 -19.49
CA LEU A 388 -18.51 -7.01 -18.76
C LEU A 388 -17.64 -8.23 -18.52
N ARG A 389 -18.21 -9.43 -18.62
CA ARG A 389 -17.38 -10.64 -18.63
C ARG A 389 -16.59 -10.75 -19.93
N GLU A 390 -17.26 -10.54 -21.07
CA GLU A 390 -16.58 -10.70 -22.34
C GLU A 390 -15.86 -9.44 -22.78
N LEU A 391 -15.94 -8.36 -22.00
CA LEU A 391 -14.99 -7.28 -22.20
C LEU A 391 -13.60 -7.71 -21.77
N GLY A 392 -13.51 -8.50 -20.70
CA GLY A 392 -12.23 -9.10 -20.33
C GLY A 392 -11.70 -10.03 -21.41
N GLU A 393 -12.54 -10.96 -21.87
CA GLU A 393 -12.15 -11.86 -22.94
C GLU A 393 -11.77 -11.11 -24.22
N LYS A 394 -12.04 -9.81 -24.29
CA LYS A 394 -11.49 -8.98 -25.35
C LYS A 394 -10.18 -8.32 -24.94
N VAL A 395 -9.72 -8.56 -23.72
CA VAL A 395 -8.42 -8.09 -23.26
C VAL A 395 -7.45 -9.25 -23.10
N LYS A 396 -7.90 -10.34 -22.46
CA LYS A 396 -7.06 -11.53 -22.35
C LYS A 396 -6.63 -12.01 -23.73
N LYS A 397 -7.57 -12.16 -24.65
CA LYS A 397 -7.21 -12.43 -26.02
C LYS A 397 -6.62 -11.21 -26.71
N MET A 398 -6.85 -10.03 -26.15
CA MET A 398 -6.50 -8.75 -26.76
C MET A 398 -6.84 -8.79 -28.24
N GLU A 399 -8.11 -9.02 -28.51
CA GLU A 399 -8.55 -9.42 -29.84
C GLU A 399 -8.48 -8.23 -30.78
N LYS A 400 -7.53 -8.26 -31.71
CA LYS A 400 -7.42 -7.24 -32.73
C LYS A 400 -8.46 -7.49 -33.81
N LEU A 401 -9.72 -7.65 -33.40
CA LEU A 401 -10.83 -7.80 -34.33
C LEU A 401 -11.95 -6.80 -34.06
N GLY A 402 -12.27 -6.54 -32.79
CA GLY A 402 -13.16 -5.45 -32.45
C GLY A 402 -14.30 -5.80 -31.51
N PRO A 403 -14.63 -4.83 -30.62
CA PRO A 403 -15.87 -4.79 -29.82
C PRO A 403 -17.04 -4.06 -30.49
N VAL A 404 -17.73 -4.72 -31.41
CA VAL A 404 -18.74 -4.08 -32.25
C VAL A 404 -20.12 -4.14 -31.60
N ASP A 405 -20.63 -2.96 -31.25
CA ASP A 405 -21.99 -2.75 -30.75
C ASP A 405 -22.33 -3.70 -29.60
N LEU A 406 -21.61 -3.51 -28.51
CA LEU A 406 -21.74 -4.40 -27.37
C LEU A 406 -22.99 -4.13 -26.52
N LEU A 407 -23.37 -2.87 -26.35
CA LEU A 407 -24.29 -2.50 -25.29
C LEU A 407 -25.75 -2.44 -25.72
N PHE A 408 -26.18 -3.14 -26.77
CA PHE A 408 -27.56 -2.98 -27.19
C PHE A 408 -28.53 -3.59 -26.16
N GLU A 409 -28.25 -4.81 -25.73
CA GLU A 409 -29.18 -5.50 -24.84
C GLU A 409 -29.13 -4.99 -23.41
N VAL A 410 -28.07 -4.27 -23.02
CA VAL A 410 -28.08 -3.62 -21.72
C VAL A 410 -28.85 -2.31 -21.81
N HIS A 411 -28.76 -1.61 -22.95
CA HIS A 411 -29.53 -0.40 -23.14
C HIS A 411 -31.02 -0.71 -23.13
N LEU A 412 -31.44 -1.72 -23.89
CA LEU A 412 -32.83 -2.14 -23.86
C LEU A 412 -33.24 -2.57 -22.46
N ALA A 413 -32.35 -3.27 -21.75
CA ALA A 413 -32.66 -3.71 -20.39
C ALA A 413 -32.82 -2.53 -19.45
N ALA A 414 -31.95 -1.52 -19.58
CA ALA A 414 -32.07 -0.35 -18.73
C ALA A 414 -33.27 0.51 -19.14
N GLU A 415 -33.52 0.61 -20.44
CA GLU A 415 -34.62 1.46 -20.91
C GLU A 415 -35.97 0.95 -20.43
N GLU A 416 -36.23 -0.35 -20.57
CA GLU A 416 -37.51 -0.89 -20.12
C GLU A 416 -37.53 -1.16 -18.63
N LEU A 417 -36.37 -1.11 -17.96
CA LEU A 417 -36.38 -1.06 -16.50
C LEU A 417 -37.00 0.24 -16.03
N GLN A 418 -36.57 1.36 -16.60
CA GLN A 418 -37.17 2.64 -16.27
C GLN A 418 -38.64 2.68 -16.68
N HIS A 419 -38.96 2.16 -17.86
CA HIS A 419 -40.36 2.12 -18.25
C HIS A 419 -41.15 1.12 -17.42
N LYS A 420 -40.47 0.20 -16.72
CA LYS A 420 -41.16 -0.70 -15.82
C LYS A 420 -41.51 -0.03 -14.50
N ILE A 421 -40.68 0.93 -14.06
CA ILE A 421 -40.97 1.69 -12.86
C ILE A 421 -41.85 2.90 -13.18
N ASP A 422 -42.14 3.14 -14.44
CA ASP A 422 -43.11 4.17 -14.79
C ASP A 422 -44.53 3.75 -14.41
N LYS A 423 -44.86 2.45 -14.49
CA LYS A 423 -46.18 2.01 -14.08
C LYS A 423 -46.27 1.88 -12.57
N LYS A 424 -45.43 1.02 -12.00
CA LYS A 424 -45.48 0.72 -10.56
C LYS A 424 -44.57 1.68 -9.80
N SER A 425 -44.93 2.96 -9.87
CA SER A 425 -44.21 4.00 -9.15
C SER A 425 -44.83 4.31 -7.80
N TYR A 426 -46.10 3.98 -7.59
CA TYR A 426 -46.74 4.24 -6.30
C TYR A 426 -46.10 3.43 -5.17
N LEU A 427 -45.32 2.40 -5.49
CA LEU A 427 -44.56 1.68 -4.48
C LEU A 427 -43.30 2.42 -4.06
N LEU A 428 -43.04 3.60 -4.62
CA LEU A 428 -41.83 4.34 -4.30
C LEU A 428 -42.08 5.64 -3.53
N VAL A 429 -43.27 6.21 -3.63
CA VAL A 429 -43.62 7.45 -2.95
C VAL A 429 -45.06 7.33 -2.45
N ASN A 430 -45.51 8.36 -1.74
CA ASN A 430 -46.86 8.37 -1.20
C ASN A 430 -47.89 8.59 -2.29
N THR A 528 -41.46 9.65 7.49
CA THR A 528 -40.39 9.37 8.43
C THR A 528 -39.64 8.11 8.03
N TYR A 529 -40.17 6.95 8.45
CA TYR A 529 -39.59 5.67 8.11
C TYR A 529 -40.50 4.82 7.25
N GLU A 530 -41.81 5.04 7.34
CA GLU A 530 -42.74 4.32 6.48
C GLU A 530 -42.51 4.61 5.01
N SER A 531 -41.85 5.74 4.69
CA SER A 531 -41.51 6.08 3.32
C SER A 531 -40.01 6.13 3.08
N ALA A 532 -39.18 6.01 4.12
CA ALA A 532 -37.74 5.96 3.90
C ALA A 532 -37.32 4.57 3.44
N SER A 533 -38.02 3.53 3.91
CA SER A 533 -37.76 2.18 3.41
C SER A 533 -38.33 1.97 2.01
N ALA A 534 -39.54 2.49 1.76
CA ALA A 534 -40.14 2.35 0.45
C ALA A 534 -39.31 3.06 -0.62
N LEU A 535 -38.64 4.05 -0.28
CA LEU A 535 -37.89 4.61 -1.31
C LEU A 535 -36.52 4.20 -1.40
N SER A 536 -36.22 3.06 -0.83
CA SER A 536 -34.97 2.56 -1.13
C SER A 536 -35.05 1.98 -2.41
N LEU A 537 -36.13 1.45 -2.98
CA LEU A 537 -36.10 1.02 -4.38
C LEU A 537 -35.83 2.09 -5.37
N ALA A 538 -36.12 3.36 -5.11
CA ALA A 538 -35.73 4.33 -5.98
C ALA A 538 -34.31 4.28 -5.81
N THR A 539 -33.65 4.02 -4.79
CA THR A 539 -32.30 4.06 -4.99
C THR A 539 -31.59 2.80 -5.40
N PHE A 540 -32.16 1.74 -5.93
CA PHE A 540 -31.38 0.64 -6.44
C PHE A 540 -31.64 0.72 -7.78
N ALA A 541 -32.82 0.87 -8.28
CA ALA A 541 -33.04 1.12 -9.61
C ALA A 541 -32.42 2.37 -10.02
N SER A 542 -31.95 3.34 -9.27
CA SER A 542 -31.36 4.35 -10.07
C SER A 542 -30.00 4.51 -9.73
N LEU A 543 -29.50 3.53 -9.09
CA LEU A 543 -28.08 3.21 -8.98
C LEU A 543 -27.69 2.08 -9.90
N LEU A 544 -28.66 1.47 -10.58
CA LEU A 544 -28.35 0.42 -11.54
C LEU A 544 -28.47 0.93 -12.97
N ILE A 545 -29.37 1.87 -13.22
CA ILE A 545 -29.40 2.54 -14.51
C ILE A 545 -28.14 3.37 -14.68
N GLU A 546 -27.64 3.96 -13.59
CA GLU A 546 -26.41 4.72 -13.66
C GLU A 546 -25.23 3.84 -14.07
N PHE A 547 -25.17 2.63 -13.53
CA PHE A 547 -24.11 1.69 -13.91
C PHE A 547 -24.16 1.35 -15.39
N VAL A 548 -25.36 1.40 -15.98
CA VAL A 548 -25.48 1.20 -17.42
C VAL A 548 -24.85 2.37 -18.16
N ALA A 549 -24.98 3.59 -17.62
CA ALA A 549 -24.41 4.76 -18.27
C ALA A 549 -22.90 4.85 -18.05
N ARG A 550 -22.42 4.42 -16.89
CA ARG A 550 -20.97 4.36 -16.68
C ARG A 550 -20.31 3.35 -17.60
N LEU A 551 -21.11 2.48 -18.23
CA LEU A 551 -20.61 1.39 -19.04
C LEU A 551 -20.39 1.79 -20.50
N GLN A 552 -20.81 2.98 -20.89
CA GLN A 552 -20.47 3.51 -22.21
C GLN A 552 -19.08 4.12 -22.19
N ASN A 553 -18.64 4.60 -21.02
CA ASN A 553 -17.31 5.20 -20.91
C ASN A 553 -16.22 4.15 -21.10
N VAL A 554 -16.43 2.94 -20.59
CA VAL A 554 -15.38 1.92 -20.66
C VAL A 554 -15.16 1.48 -22.09
N VAL A 555 -16.24 1.19 -22.82
CA VAL A 555 -16.10 0.67 -24.18
C VAL A 555 -15.36 1.67 -25.07
N ASP A 556 -15.50 2.96 -24.79
CA ASP A 556 -14.70 3.94 -25.52
C ASP A 556 -13.27 3.95 -25.01
N ALA A 557 -13.09 3.87 -23.68
CA ALA A 557 -11.76 3.80 -23.11
C ALA A 557 -11.07 2.47 -23.39
N PHE A 558 -11.75 1.55 -24.04
CA PHE A 558 -11.13 0.32 -24.51
C PHE A 558 -11.08 0.26 -26.02
N LYS A 559 -11.86 1.11 -26.72
CA LYS A 559 -11.77 1.16 -28.16
C LYS A 559 -10.50 1.83 -28.61
N GLU A 560 -10.00 2.82 -27.86
CA GLU A 560 -8.69 3.38 -28.13
C GLU A 560 -7.60 2.33 -27.93
N LEU A 561 -7.71 1.56 -26.84
CA LEU A 561 -6.71 0.55 -26.56
C LEU A 561 -6.76 -0.60 -27.55
N SER A 562 -7.94 -0.89 -28.11
CA SER A 562 -8.05 -2.03 -29.02
C SER A 562 -7.35 -1.76 -30.34
N GLN A 563 -7.36 -0.50 -30.80
CA GLN A 563 -6.82 -0.14 -32.10
C GLN A 563 -5.32 0.13 -32.05
N LYS A 564 -4.90 1.09 -31.23
CA LYS A 564 -3.53 1.57 -31.30
C LYS A 564 -2.54 0.61 -30.64
N ALA A 565 -2.96 -0.12 -29.60
CA ALA A 565 -2.05 -1.06 -28.95
C ALA A 565 -1.70 -2.20 -29.89
N TYR B 67 14.90 27.06 -13.36
CA TYR B 67 15.12 27.74 -12.09
C TYR B 67 13.82 27.90 -11.32
N ASP B 68 12.73 28.17 -12.04
CA ASP B 68 11.43 28.29 -11.40
C ASP B 68 10.94 26.95 -10.85
N ASP B 69 11.21 25.86 -11.59
CA ASP B 69 10.87 24.54 -11.07
C ASP B 69 11.69 24.20 -9.84
N ALA B 70 12.98 24.56 -9.84
CA ALA B 70 13.82 24.30 -8.68
C ALA B 70 13.33 25.08 -7.46
N LYS B 71 12.66 26.21 -7.67
CA LYS B 71 12.07 26.95 -6.57
C LYS B 71 11.03 26.10 -5.84
N ASP B 72 10.21 25.37 -6.60
CA ASP B 72 9.21 24.51 -5.99
C ASP B 72 9.85 23.41 -5.14
N VAL B 73 10.95 22.83 -5.64
CA VAL B 73 11.63 21.76 -4.92
C VAL B 73 12.11 22.27 -3.57
N ALA B 74 12.70 23.47 -3.54
CA ALA B 74 13.04 24.10 -2.27
C ALA B 74 11.78 24.41 -1.48
N ARG B 75 10.74 24.90 -2.16
CA ARG B 75 9.46 25.17 -1.49
C ARG B 75 8.86 23.89 -0.94
N LYS B 76 8.88 22.81 -1.73
CA LYS B 76 8.32 21.54 -1.29
C LYS B 76 8.93 21.09 0.03
N ALA B 77 10.26 21.16 0.13
CA ALA B 77 10.93 20.82 1.38
C ALA B 77 10.52 21.78 2.50
N TRP B 78 10.48 23.08 2.19
CA TRP B 78 10.06 24.06 3.20
C TRP B 78 8.59 23.87 3.56
N GLU B 79 7.72 23.69 2.57
CA GLU B 79 6.29 23.57 2.84
C GLU B 79 5.98 22.34 3.66
N MET B 80 6.57 21.19 3.30
CA MET B 80 6.41 20.01 4.14
C MET B 80 7.18 20.15 5.44
N GLY B 81 8.16 21.06 5.49
CA GLY B 81 8.93 21.30 6.68
C GLY B 81 8.22 22.15 7.71
N VAL B 82 7.80 23.36 7.31
CA VAL B 82 7.16 24.26 8.25
C VAL B 82 5.80 23.70 8.69
N SER B 83 5.10 23.02 7.78
CA SER B 83 3.82 22.41 8.14
C SER B 83 4.02 21.29 9.16
N ASP B 84 4.98 20.41 8.91
CA ASP B 84 5.25 19.27 9.78
C ASP B 84 6.70 19.31 10.23
N PRO B 85 6.98 19.78 11.45
CA PRO B 85 8.36 19.72 11.96
C PRO B 85 8.69 18.38 12.57
N ARG B 86 8.29 17.31 11.88
CA ARG B 86 8.63 15.95 12.27
C ARG B 86 9.61 15.29 11.32
N LYS B 87 9.78 15.84 10.11
CA LYS B 87 10.76 15.35 9.15
C LYS B 87 12.14 15.91 9.43
N ILE B 88 12.23 17.23 9.67
CA ILE B 88 13.50 17.85 9.97
C ILE B 88 14.11 17.22 11.21
N VAL B 89 13.30 17.02 12.24
CA VAL B 89 13.82 16.44 13.48
C VAL B 89 14.25 15.00 13.26
N PHE B 90 13.53 14.25 12.42
CA PHE B 90 13.94 12.87 12.18
C PHE B 90 15.25 12.82 11.43
N SER B 91 15.42 13.65 10.40
CA SER B 91 16.67 13.66 9.66
C SER B 91 17.82 14.14 10.55
N ALA B 92 17.53 15.08 11.45
CA ALA B 92 18.55 15.50 12.41
C ALA B 92 18.93 14.35 13.32
N LYS B 93 17.95 13.55 13.75
CA LYS B 93 18.25 12.41 14.62
C LYS B 93 19.10 11.37 13.92
N ILE B 94 18.79 11.05 12.66
CA ILE B 94 19.57 10.04 11.96
C ILE B 94 20.96 10.57 11.63
N GLY B 95 21.07 11.84 11.27
CA GLY B 95 22.37 12.43 11.07
C GLY B 95 23.21 12.41 12.34
N LEU B 96 22.59 12.75 13.47
CA LEU B 96 23.31 12.73 14.73
C LEU B 96 23.79 11.33 15.06
N ALA B 97 22.95 10.32 14.84
CA ALA B 97 23.36 8.96 15.12
C ALA B 97 24.55 8.55 14.26
N LEU B 98 24.49 8.87 12.96
CA LEU B 98 25.57 8.49 12.06
C LEU B 98 26.87 9.20 12.41
N THR B 99 26.81 10.50 12.69
CA THR B 99 28.04 11.21 13.02
C THR B 99 28.57 10.84 14.40
N ILE B 100 27.70 10.43 15.34
CA ILE B 100 28.19 9.97 16.64
C ILE B 100 28.89 8.63 16.53
N VAL B 101 28.34 7.73 15.73
CA VAL B 101 29.04 6.47 15.50
C VAL B 101 30.38 6.73 14.81
N ALA B 102 30.40 7.60 13.80
CA ALA B 102 31.65 7.87 13.11
C ALA B 102 32.66 8.57 14.02
N LEU B 103 32.20 9.51 14.85
CA LEU B 103 33.08 10.19 15.79
C LEU B 103 33.64 9.23 16.81
N LEU B 104 32.82 8.26 17.22
CA LEU B 104 33.27 7.25 18.17
C LEU B 104 34.32 6.35 17.55
N ILE B 105 34.15 6.01 16.27
CA ILE B 105 35.12 5.18 15.57
C ILE B 105 36.44 5.92 15.43
N PHE B 106 36.39 7.14 14.92
CA PHE B 106 37.63 7.82 14.55
C PHE B 106 38.38 8.32 15.78
N TYR B 107 37.67 8.90 16.75
CA TYR B 107 38.36 9.58 17.84
C TYR B 107 38.57 8.70 19.06
N GLN B 108 37.70 7.70 19.27
CA GLN B 108 37.80 6.83 20.43
C GLN B 108 38.27 5.41 20.10
N GLU B 109 38.20 4.99 18.84
CA GLU B 109 38.72 3.69 18.44
C GLU B 109 39.62 3.81 17.23
N PRO B 110 40.73 4.55 17.32
CA PRO B 110 41.58 4.73 16.14
C PRO B 110 42.57 3.59 15.95
N ASN B 111 42.67 2.70 16.93
CA ASN B 111 43.61 1.60 16.86
C ASN B 111 43.14 0.59 15.82
N PRO B 112 43.97 0.25 14.83
CA PRO B 112 43.56 -0.72 13.81
C PRO B 112 43.75 -2.16 14.25
N ASP B 113 43.98 -2.37 15.55
CA ASP B 113 44.21 -3.72 16.05
C ASP B 113 43.08 -4.53 15.43
N LEU B 114 41.82 -3.92 15.69
CA LEU B 114 40.31 -4.19 15.20
C LEU B 114 39.04 -3.21 14.66
N SER B 115 39.41 -2.26 13.85
CA SER B 115 38.43 -1.30 13.28
C SER B 115 37.63 -1.54 11.89
N ARG B 116 37.93 -2.68 11.38
CA ARG B 116 37.29 -3.09 10.29
C ARG B 116 35.91 -3.43 10.47
N TYR B 117 35.69 -4.00 11.56
CA TYR B 117 34.40 -4.20 11.56
C TYR B 117 33.74 -2.94 11.97
N SER B 118 34.40 -1.82 11.88
CA SER B 118 33.73 -0.59 12.31
C SER B 118 32.72 0.06 11.53
N VAL B 119 32.56 -0.50 10.39
CA VAL B 119 31.60 -0.22 9.55
C VAL B 119 30.48 -0.91 10.06
N TRP B 120 30.39 -1.98 10.82
CA TRP B 120 29.15 -2.55 11.38
C TRP B 120 28.58 -1.65 12.16
N ALA B 121 29.31 -1.06 12.99
CA ALA B 121 28.71 -0.02 13.74
C ALA B 121 27.99 1.15 12.93
N ILE B 122 28.59 1.90 12.01
CA ILE B 122 27.75 2.88 11.19
C ILE B 122 26.75 2.36 10.21
N LEU B 123 26.85 1.18 9.69
CA LEU B 123 25.88 0.67 8.84
C LEU B 123 24.84 0.11 9.55
N THR B 124 24.95 -0.34 10.77
CA THR B 124 23.75 -0.72 11.52
C THR B 124 23.02 0.43 11.95
N VAL B 125 23.55 1.65 12.20
CA VAL B 125 22.66 2.69 12.57
C VAL B 125 21.94 2.96 11.41
N VAL B 126 22.41 3.04 10.19
CA VAL B 126 21.60 3.36 9.08
C VAL B 126 20.66 2.39 8.89
N VAL B 127 20.89 1.10 9.02
CA VAL B 127 19.83 0.08 8.70
C VAL B 127 18.82 -0.22 9.68
N VAL B 128 18.87 0.36 10.86
CA VAL B 128 17.80 0.17 11.76
C VAL B 128 17.51 1.37 12.49
N PHE B 129 17.30 2.46 11.77
CA PHE B 129 16.65 3.62 12.50
C PHE B 129 15.36 4.02 11.81
N GLU B 130 14.08 3.98 12.38
CA GLU B 130 12.85 4.30 11.67
C GLU B 130 12.02 5.31 12.44
N PHE B 131 11.04 5.87 11.72
CA PHE B 131 10.40 7.12 12.12
C PHE B 131 9.80 7.03 13.53
N THR B 132 9.11 5.94 13.82
CA THR B 132 8.35 5.81 15.06
C THR B 132 9.00 4.81 15.98
N ILE B 133 9.03 5.16 17.28
CA ILE B 133 9.63 4.30 18.29
C ILE B 133 9.11 2.88 18.16
N GLY B 134 7.81 2.73 17.99
CA GLY B 134 7.25 1.40 17.80
C GLY B 134 7.86 0.70 16.60
N ALA B 135 8.00 1.42 15.48
CA ALA B 135 8.53 0.80 14.28
C ALA B 135 9.98 0.40 14.46
N THR B 136 10.81 1.32 14.96
CA THR B 136 12.21 0.99 15.21
C THR B 136 12.32 -0.22 16.12
N LEU B 137 11.53 -0.24 17.19
CA LEU B 137 11.72 -1.26 18.21
C LEU B 137 11.23 -2.62 17.72
N SER B 138 10.07 -2.67 17.07
CA SER B 138 9.54 -3.95 16.58
C SER B 138 10.36 -4.47 15.42
N LYS B 139 10.76 -3.59 14.50
CA LYS B 139 11.55 -4.05 13.38
C LYS B 139 12.96 -4.45 13.80
N GLY B 140 13.51 -3.80 14.82
CA GLY B 140 14.73 -4.30 15.43
C GLY B 140 14.54 -5.66 16.04
N PHE B 141 13.41 -5.88 16.71
CA PHE B 141 13.14 -7.19 17.30
C PHE B 141 13.02 -8.28 16.24
N ASN B 142 12.32 -7.99 15.14
CA ASN B 142 12.18 -8.97 14.08
C ASN B 142 13.51 -9.26 13.39
N ARG B 143 14.29 -8.22 13.10
CA ARG B 143 15.59 -8.46 12.48
C ARG B 143 16.53 -9.17 13.45
N ALA B 144 16.43 -8.89 14.75
CA ALA B 144 17.26 -9.60 15.72
C ALA B 144 16.87 -11.07 15.80
N LEU B 145 15.58 -11.38 15.75
CA LEU B 145 15.16 -12.78 15.71
C LEU B 145 15.65 -13.46 14.44
N GLY B 146 15.53 -12.79 13.29
CA GLY B 146 16.06 -13.37 12.07
C GLY B 146 17.55 -13.63 12.14
N THR B 147 18.31 -12.63 12.59
CA THR B 147 19.76 -12.76 12.64
C THR B 147 20.21 -13.79 13.66
N LEU B 148 19.59 -13.82 14.84
CA LEU B 148 20.00 -14.75 15.88
C LEU B 148 19.56 -16.18 15.54
N SER B 149 18.41 -16.33 14.88
CA SER B 149 17.99 -17.65 14.43
C SER B 149 18.92 -18.18 13.35
N ALA B 150 19.27 -17.33 12.38
CA ALA B 150 20.27 -17.71 11.40
C ALA B 150 21.59 -18.02 12.08
N GLY B 151 21.93 -17.30 13.15
CA GLY B 151 23.17 -17.55 13.84
C GLY B 151 23.20 -18.91 14.51
N GLY B 152 22.17 -19.24 15.29
CA GLY B 152 22.15 -20.53 15.95
C GLY B 152 22.09 -21.68 14.96
N LEU B 153 21.19 -21.59 13.97
CA LEU B 153 21.05 -22.66 12.99
C LEU B 153 22.29 -22.77 12.12
N ALA B 154 22.86 -21.64 11.71
CA ALA B 154 24.05 -21.64 10.88
C ALA B 154 25.28 -22.13 11.62
N LEU B 155 25.43 -21.81 12.91
CA LEU B 155 26.57 -22.34 13.66
C LEU B 155 26.43 -23.83 13.90
N GLY B 156 25.22 -24.32 14.14
CA GLY B 156 25.05 -25.77 14.15
C GLY B 156 25.47 -26.38 12.82
N MET B 157 24.96 -25.82 11.73
CA MET B 157 25.38 -26.25 10.40
C MET B 157 26.85 -26.02 10.15
N ALA B 158 27.50 -25.14 10.90
CA ALA B 158 28.91 -24.84 10.66
C ALA B 158 29.81 -25.87 11.32
N GLU B 159 29.53 -26.21 12.57
CA GLU B 159 30.26 -27.33 13.19
C GLU B 159 30.02 -28.61 12.40
N LEU B 160 28.77 -28.86 12.00
CA LEU B 160 28.52 -30.00 11.14
C LEU B 160 29.31 -29.88 9.83
N SER B 161 29.23 -28.70 9.20
CA SER B 161 29.83 -28.47 7.89
C SER B 161 31.34 -28.46 7.92
N THR B 162 31.95 -28.49 9.11
CA THR B 162 33.37 -28.83 9.18
C THR B 162 33.55 -30.33 9.35
N LEU B 163 32.62 -31.00 10.03
CA LEU B 163 32.70 -32.46 10.12
C LEU B 163 32.63 -33.08 8.73
N PHE B 164 33.48 -34.09 8.50
CA PHE B 164 33.51 -34.84 7.25
C PHE B 164 32.21 -35.59 7.01
N TRP B 167 33.58 -34.08 1.89
CA TRP B 167 32.65 -33.52 0.91
C TRP B 167 31.92 -32.33 1.50
N GLU B 168 32.62 -31.58 2.34
CA GLU B 168 31.92 -30.52 3.03
C GLU B 168 31.67 -29.30 2.16
N GLU B 169 32.41 -29.12 1.07
CA GLU B 169 32.04 -28.06 0.15
C GLU B 169 30.68 -28.34 -0.47
N ILE B 170 30.41 -29.58 -0.87
CA ILE B 170 29.11 -29.88 -1.47
C ILE B 170 28.01 -29.82 -0.41
N PHE B 171 28.30 -30.29 0.80
CA PHE B 171 27.27 -30.18 1.83
C PHE B 171 26.95 -28.72 2.13
N CYS B 172 27.98 -27.86 2.15
CA CYS B 172 27.75 -26.46 2.46
C CYS B 172 27.15 -25.69 1.28
N THR B 173 27.21 -26.25 0.08
CA THR B 173 26.49 -25.67 -1.04
C THR B 173 25.00 -26.01 -0.96
N LEU B 174 24.70 -27.29 -0.73
CA LEU B 174 23.31 -27.69 -0.54
C LEU B 174 22.69 -27.04 0.68
N SER B 175 23.48 -26.79 1.72
CA SER B 175 22.99 -26.13 2.92
C SER B 175 22.61 -24.68 2.71
N ILE B 176 22.97 -24.08 1.56
CA ILE B 176 22.53 -22.74 1.24
C ILE B 176 21.47 -22.74 0.15
N PHE B 177 21.47 -23.74 -0.74
CA PHE B 177 20.29 -23.91 -1.58
C PHE B 177 19.04 -24.15 -0.75
N CYS B 178 19.14 -25.02 0.26
CA CYS B 178 17.95 -25.36 1.05
C CYS B 178 17.41 -24.16 1.80
N ILE B 179 18.30 -23.39 2.44
CA ILE B 179 17.84 -22.22 3.17
C ILE B 179 17.25 -21.19 2.22
N GLY B 180 17.89 -20.95 1.07
CA GLY B 180 17.33 -20.00 0.14
C GLY B 180 15.94 -20.39 -0.30
N PHE B 181 15.77 -21.66 -0.67
CA PHE B 181 14.48 -22.10 -1.18
C PHE B 181 13.41 -22.03 -0.10
N LEU B 182 13.70 -22.54 1.10
CA LEU B 182 12.66 -22.55 2.12
C LEU B 182 12.29 -21.13 2.53
N ALA B 183 13.28 -20.24 2.74
CA ALA B 183 12.97 -18.90 3.21
C ALA B 183 12.28 -18.06 2.14
N THR B 184 12.53 -18.33 0.85
CA THR B 184 11.89 -17.57 -0.21
C THR B 184 10.37 -17.63 -0.10
N PHE B 185 9.79 -18.85 0.01
CA PHE B 185 8.35 -18.94 0.10
C PHE B 185 7.79 -18.17 1.28
N MET B 186 8.23 -18.48 2.49
CA MET B 186 7.64 -17.77 3.62
C MET B 186 7.85 -16.26 3.50
N LYS B 187 8.82 -15.81 2.71
CA LYS B 187 8.82 -14.39 2.33
C LYS B 187 7.67 -14.06 1.40
N LEU B 188 7.40 -14.92 0.42
CA LEU B 188 6.44 -14.63 -0.64
C LEU B 188 5.00 -14.98 -0.29
N TYR B 189 4.77 -15.65 0.84
CA TYR B 189 3.42 -16.04 1.20
C TYR B 189 2.56 -14.78 1.40
N PRO B 190 1.29 -14.84 1.02
CA PRO B 190 0.44 -13.62 1.12
C PRO B 190 0.33 -13.06 2.53
N SER B 191 0.27 -13.93 3.55
CA SER B 191 0.14 -13.44 4.91
C SER B 191 1.38 -12.69 5.36
N MET B 192 2.57 -13.29 5.15
CA MET B 192 3.83 -12.67 5.55
C MET B 192 4.28 -11.70 4.47
N LYS B 193 3.54 -10.60 4.35
CA LYS B 193 3.85 -9.57 3.38
C LYS B 193 4.60 -8.39 3.99
N ALA B 194 4.34 -8.07 5.25
CA ALA B 194 5.08 -7.03 5.95
C ALA B 194 6.27 -7.59 6.70
N TYR B 195 6.25 -8.89 7.03
CA TYR B 195 7.39 -9.58 7.64
C TYR B 195 8.31 -10.08 6.53
N GLU B 196 8.66 -9.16 5.63
CA GLU B 196 9.53 -9.42 4.49
C GLU B 196 10.98 -9.04 4.77
N TYR B 197 11.19 -7.94 5.49
CA TYR B 197 12.53 -7.58 5.94
C TYR B 197 13.11 -8.65 6.84
N GLY B 198 12.29 -9.31 7.64
CA GLY B 198 12.79 -10.38 8.48
C GLY B 198 13.33 -11.54 7.67
N PHE B 199 12.61 -11.94 6.61
CA PHE B 199 13.08 -13.04 5.79
C PHE B 199 14.29 -12.64 4.95
N ARG B 200 14.36 -11.38 4.54
CA ARG B 200 15.57 -10.93 3.83
C ARG B 200 16.78 -10.95 4.76
N VAL B 201 16.65 -10.46 6.00
CA VAL B 201 17.79 -10.45 6.92
C VAL B 201 18.04 -11.81 7.54
N PHE B 202 17.16 -12.78 7.35
CA PHE B 202 17.47 -14.15 7.72
C PHE B 202 18.17 -14.91 6.59
N LEU B 203 17.64 -14.82 5.37
CA LEU B 203 18.31 -15.43 4.22
C LEU B 203 19.68 -14.82 3.99
N LEU B 204 19.84 -13.53 4.30
CA LEU B 204 21.08 -12.82 4.05
C LEU B 204 22.07 -12.90 5.22
N THR B 205 21.64 -13.43 6.36
CA THR B 205 22.52 -13.67 7.50
C THR B 205 22.98 -15.12 7.58
N TYR B 206 22.09 -16.06 7.26
CA TYR B 206 22.53 -17.44 7.07
C TYR B 206 23.70 -17.50 6.09
N CYS B 207 23.56 -16.84 4.94
CA CYS B 207 24.58 -16.90 3.90
C CYS B 207 25.91 -16.34 4.40
N TYR B 208 25.87 -15.17 5.03
CA TYR B 208 27.10 -14.54 5.47
C TYR B 208 27.79 -15.38 6.55
N ILE B 209 27.04 -15.77 7.58
CA ILE B 209 27.64 -16.57 8.63
C ILE B 209 28.21 -17.85 8.05
N LEU B 210 27.49 -18.50 7.13
CA LEU B 210 27.94 -19.79 6.64
C LEU B 210 29.19 -19.68 5.78
N ILE B 211 29.26 -18.70 4.88
CA ILE B 211 30.48 -18.51 4.09
C ILE B 211 31.65 -18.17 5.01
N SER B 212 31.47 -17.20 5.91
CA SER B 212 32.58 -16.78 6.76
C SER B 212 33.01 -17.93 7.67
N GLY B 213 32.07 -18.77 8.09
CA GLY B 213 32.41 -19.85 9.00
C GLY B 213 33.09 -21.00 8.28
N PHE B 214 32.70 -21.26 7.04
CA PHE B 214 33.44 -22.21 6.24
C PHE B 214 34.85 -21.72 5.97
N ARG B 215 35.01 -20.39 5.89
CA ARG B 215 36.33 -19.83 5.66
C ARG B 215 37.23 -19.90 6.90
N THR B 216 36.68 -19.58 8.08
CA THR B 216 37.47 -19.39 9.28
C THR B 216 37.30 -20.57 10.24
N GLY B 217 38.35 -20.80 11.04
CA GLY B 217 38.36 -21.98 11.89
C GLY B 217 37.46 -21.85 13.10
N GLN B 218 37.77 -20.92 14.01
CA GLN B 218 37.00 -20.71 15.22
C GLN B 218 36.20 -19.42 15.08
N PHE B 219 35.03 -19.51 14.44
CA PHE B 219 34.26 -18.33 14.12
C PHE B 219 33.66 -17.66 15.34
N ILE B 220 33.38 -18.41 16.41
CA ILE B 220 32.44 -17.91 17.42
C ILE B 220 32.97 -16.67 18.12
N GLU B 221 34.30 -16.53 18.23
CA GLU B 221 34.82 -15.30 18.82
C GLU B 221 34.58 -14.10 17.91
N VAL B 222 34.77 -14.25 16.60
CA VAL B 222 34.47 -13.20 15.65
C VAL B 222 32.98 -12.94 15.54
N ALA B 223 32.13 -13.95 15.70
CA ALA B 223 30.70 -13.75 15.80
C ALA B 223 30.30 -12.99 17.06
N ILE B 224 30.95 -13.26 18.18
CA ILE B 224 30.73 -12.48 19.40
C ILE B 224 31.11 -11.03 19.16
N SER B 225 32.27 -10.80 18.55
CA SER B 225 32.67 -9.43 18.24
C SER B 225 31.68 -8.75 17.31
N ARG B 226 31.18 -9.45 16.29
CA ARG B 226 30.21 -8.84 15.39
C ARG B 226 28.92 -8.51 16.12
N PHE B 227 28.53 -9.35 17.07
CA PHE B 227 27.32 -9.04 17.80
C PHE B 227 27.51 -7.85 18.73
N LEU B 228 28.67 -7.71 19.37
CA LEU B 228 28.82 -6.52 20.20
C LEU B 228 28.99 -5.28 19.34
N LEU B 229 29.43 -5.43 18.09
CA LEU B 229 29.44 -4.29 17.19
C LEU B 229 28.03 -3.89 16.78
N ILE B 230 27.19 -4.87 16.49
CA ILE B 230 25.82 -4.56 16.07
C ILE B 230 24.95 -4.36 17.30
N ALA B 231 25.57 -4.34 18.48
CA ALA B 231 24.90 -3.93 19.70
C ALA B 231 25.44 -2.59 20.19
N LEU B 232 26.61 -2.20 19.68
CA LEU B 232 27.15 -0.86 19.84
C LEU B 232 26.62 0.11 18.81
N GLY B 233 26.20 -0.39 17.65
CA GLY B 233 25.50 0.45 16.70
C GLY B 233 24.04 0.62 17.07
N ALA B 234 23.30 -0.48 17.14
CA ALA B 234 21.88 -0.43 17.48
C ALA B 234 21.62 0.14 18.86
N GLY B 235 22.57 0.02 19.79
CA GLY B 235 22.38 0.65 21.09
C GLY B 235 22.24 2.16 20.98
N VAL B 236 23.19 2.81 20.31
CA VAL B 236 23.10 4.24 20.08
C VAL B 236 21.90 4.56 19.20
N SER B 237 21.58 3.69 18.24
CA SER B 237 20.40 3.90 17.39
C SER B 237 19.15 4.06 18.25
N LEU B 238 18.82 3.03 19.03
CA LEU B 238 17.62 3.08 19.86
C LEU B 238 17.70 4.22 20.88
N GLY B 239 18.87 4.43 21.49
CA GLY B 239 18.97 5.47 22.49
C GLY B 239 18.68 6.85 21.95
N VAL B 240 19.29 7.20 20.82
CA VAL B 240 19.04 8.51 20.23
C VAL B 240 17.61 8.61 19.73
N ASN B 241 17.04 7.51 19.20
CA ASN B 241 15.68 7.57 18.71
C ASN B 241 14.67 7.74 19.82
N MET B 242 14.91 7.15 20.99
CA MET B 242 13.94 7.16 22.08
C MET B 242 14.09 8.34 23.03
N PHE B 243 15.32 8.82 23.27
CA PHE B 243 15.51 9.86 24.27
C PHE B 243 15.48 11.27 23.69
N ILE B 244 16.12 11.48 22.55
CA ILE B 244 16.21 12.82 21.95
C ILE B 244 14.95 13.04 21.10
N TYR B 245 13.95 13.70 21.69
CA TYR B 245 12.72 14.06 20.99
C TYR B 245 12.10 12.86 20.30
N PRO B 246 11.51 11.93 21.03
CA PRO B 246 10.96 10.73 20.39
C PRO B 246 9.75 11.06 19.54
N ILE B 247 9.44 10.14 18.63
CA ILE B 247 8.30 10.28 17.73
C ILE B 247 7.52 8.97 17.83
N TRP B 248 6.48 8.95 18.66
CA TRP B 248 5.80 7.71 18.96
C TRP B 248 4.97 7.25 17.77
N ALA B 249 4.44 6.03 17.88
CA ALA B 249 3.49 5.50 16.91
C ALA B 249 2.11 5.29 17.53
N GLY B 250 1.91 5.76 18.76
CA GLY B 250 0.60 5.74 19.35
C GLY B 250 -0.15 7.01 19.03
N GLU B 251 0.52 8.15 19.20
CA GLU B 251 -0.09 9.44 18.88
C GLU B 251 0.08 9.81 17.42
N ASP B 252 0.74 8.96 16.63
CA ASP B 252 0.61 9.05 15.18
C ASP B 252 -0.66 8.38 14.69
N LEU B 253 -1.38 7.69 15.58
CA LEU B 253 -2.65 7.05 15.28
C LEU B 253 -3.83 7.75 15.96
N HIS B 254 -3.62 8.29 17.15
CA HIS B 254 -4.66 9.11 17.76
C HIS B 254 -4.86 10.40 16.98
N ASN B 255 -3.81 10.91 16.34
CA ASN B 255 -3.92 12.08 15.48
C ASN B 255 -4.36 11.73 14.08
N LEU B 256 -4.55 10.45 13.78
CA LEU B 256 -5.06 10.00 12.50
C LEU B 256 -6.51 9.55 12.55
N VAL B 257 -6.94 8.96 13.68
CA VAL B 257 -8.34 8.65 13.84
C VAL B 257 -9.16 9.92 13.99
N VAL B 258 -8.53 11.03 14.37
CA VAL B 258 -9.24 12.31 14.48
C VAL B 258 -9.05 13.16 13.24
N LYS B 259 -8.14 12.78 12.34
CA LYS B 259 -8.03 13.51 11.08
C LYS B 259 -9.15 13.14 10.12
N ASN B 260 -9.59 11.87 10.14
CA ASN B 260 -10.62 11.45 9.20
C ASN B 260 -11.96 12.13 9.47
N PHE B 261 -12.26 12.44 10.72
CA PHE B 261 -13.47 13.22 10.99
C PHE B 261 -13.40 14.58 10.30
N MET B 262 -12.21 15.17 10.22
CA MET B 262 -12.10 16.50 9.66
C MET B 262 -12.18 16.51 8.14
N ASN B 263 -11.71 15.45 7.47
CA ASN B 263 -11.78 15.40 6.02
C ASN B 263 -12.91 14.52 5.52
N VAL B 264 -13.83 14.10 6.40
CA VAL B 264 -15.10 13.55 5.99
C VAL B 264 -16.24 14.56 6.20
N ALA B 265 -16.17 15.39 7.22
CA ALA B 265 -17.19 16.41 7.42
C ALA B 265 -17.16 17.42 6.28
N THR B 266 -15.98 17.66 5.70
CA THR B 266 -15.91 18.51 4.52
C THR B 266 -16.34 17.76 3.26
N SER B 267 -16.03 16.46 3.19
CA SER B 267 -16.50 15.67 2.06
C SER B 267 -18.03 15.60 2.06
N LEU B 268 -18.63 15.42 3.23
CA LEU B 268 -20.08 15.54 3.32
C LEU B 268 -20.55 16.92 2.93
N GLU B 269 -19.87 17.96 3.41
CA GLU B 269 -20.30 19.32 3.09
C GLU B 269 -19.97 19.68 1.65
N GLY B 270 -18.88 19.12 1.12
CA GLY B 270 -18.56 19.35 -0.28
C GLY B 270 -19.58 18.72 -1.22
N CYS B 271 -19.99 17.48 -0.93
CA CYS B 271 -20.90 16.76 -1.81
C CYS B 271 -22.34 17.26 -1.69
N VAL B 272 -22.73 17.77 -0.53
CA VAL B 272 -24.05 18.38 -0.39
C VAL B 272 -24.08 19.74 -1.06
N ASN B 273 -22.99 20.49 -0.98
CA ASN B 273 -22.98 21.84 -1.53
C ASN B 273 -22.44 21.90 -2.95
N GLY B 274 -21.70 20.88 -3.39
CA GLY B 274 -21.33 20.81 -4.79
C GLY B 274 -22.48 20.36 -5.67
N TYR B 275 -23.44 19.64 -5.08
CA TYR B 275 -24.58 19.17 -5.85
C TYR B 275 -25.46 20.32 -6.30
N LEU B 276 -25.42 21.44 -5.57
CA LEU B 276 -26.38 22.52 -5.79
C LEU B 276 -25.75 23.77 -6.40
N ARG B 277 -24.43 23.87 -6.42
CA ARG B 277 -23.74 25.11 -6.78
C ARG B 277 -23.76 25.28 -8.29
N CYS B 278 -24.81 25.93 -8.79
CA CYS B 278 -24.93 26.31 -10.19
C CYS B 278 -25.99 27.38 -10.31
N LEU B 279 -26.38 27.68 -11.55
CA LEU B 279 -27.45 28.63 -11.80
C LEU B 279 -28.00 28.48 -13.22
N ASP B 296 -9.73 17.13 -7.09
CA ASP B 296 -10.84 17.81 -6.45
C ASP B 296 -10.68 17.80 -4.93
N PRO B 297 -11.06 18.90 -4.27
CA PRO B 297 -10.97 18.92 -2.80
C PRO B 297 -11.80 17.86 -2.12
N VAL B 298 -12.96 17.51 -2.68
CA VAL B 298 -13.79 16.46 -2.10
C VAL B 298 -13.15 15.09 -2.30
N TYR B 299 -12.59 14.86 -3.49
CA TYR B 299 -12.04 13.53 -3.80
C TYR B 299 -10.82 13.21 -2.96
N LYS B 300 -10.10 14.23 -2.49
CA LYS B 300 -9.03 14.00 -1.53
C LYS B 300 -9.53 13.92 -0.10
N GLY B 301 -10.79 14.32 0.14
CA GLY B 301 -11.34 14.27 1.48
C GLY B 301 -11.66 12.87 1.98
N TYR B 302 -12.63 12.22 1.36
CA TYR B 302 -13.09 10.93 1.88
C TYR B 302 -12.19 9.76 1.49
N ARG B 303 -11.39 9.90 0.42
CA ARG B 303 -10.50 8.82 0.04
C ARG B 303 -9.33 8.67 0.99
N SER B 304 -9.06 9.67 1.83
CA SER B 304 -8.05 9.52 2.86
C SER B 304 -8.57 8.67 4.03
N ALA B 305 -9.83 8.86 4.40
CA ALA B 305 -10.41 8.07 5.48
C ALA B 305 -10.51 6.60 5.10
N VAL B 306 -10.93 6.32 3.87
CA VAL B 306 -11.12 4.93 3.44
C VAL B 306 -9.78 4.23 3.28
N GLU B 307 -8.77 4.94 2.78
CA GLU B 307 -7.45 4.35 2.53
C GLU B 307 -6.55 4.40 3.74
N SER B 308 -7.11 4.43 4.95
CA SER B 308 -6.31 4.48 6.17
C SER B 308 -6.42 3.22 7.02
N THR B 309 -7.43 2.39 6.80
CA THR B 309 -7.56 1.16 7.59
C THR B 309 -6.42 0.20 7.30
N SER B 310 -5.89 0.22 6.07
CA SER B 310 -4.67 -0.54 5.79
C SER B 310 -3.46 0.07 6.47
N GLN B 311 -3.55 1.34 6.88
CA GLN B 311 -2.47 2.02 7.58
C GLN B 311 -2.64 1.94 9.09
N GLU B 312 -3.83 2.29 9.59
CA GLU B 312 -4.09 2.18 11.03
C GLU B 312 -3.98 0.76 11.53
N GLU B 313 -4.14 -0.23 10.65
CA GLU B 313 -3.91 -1.61 11.06
C GLU B 313 -2.42 -1.91 11.20
N SER B 314 -1.58 -1.10 10.55
CA SER B 314 -0.14 -1.19 10.80
C SER B 314 0.24 -0.43 12.06
N LEU B 315 -0.20 0.82 12.17
CA LEU B 315 0.02 1.59 13.39
C LEU B 315 -0.59 0.93 14.61
N MET B 316 -1.41 -0.09 14.43
CA MET B 316 -1.84 -0.90 15.57
C MET B 316 -0.81 -1.97 15.90
N SER B 317 -0.01 -2.37 14.91
CA SER B 317 1.09 -3.29 15.18
C SER B 317 2.26 -2.57 15.84
N PHE B 318 2.53 -1.33 15.43
CA PHE B 318 3.59 -0.55 16.06
C PHE B 318 3.17 0.01 17.40
N ALA B 319 1.88 0.22 17.64
CA ALA B 319 1.45 0.90 18.85
C ALA B 319 1.61 0.05 20.10
N ILE B 320 1.67 -1.27 19.96
CA ILE B 320 1.76 -2.12 21.13
C ILE B 320 3.16 -2.11 21.73
N TRP B 321 4.16 -1.63 21.00
CA TRP B 321 5.55 -1.73 21.42
C TRP B 321 6.01 -0.56 22.29
N GLU B 322 5.24 0.52 22.38
CA GLU B 322 5.67 1.65 23.19
C GLU B 322 5.26 1.45 24.64
N PRO B 323 5.97 2.11 25.56
CA PRO B 323 5.54 2.13 26.95
C PRO B 323 4.31 2.98 27.13
N PRO B 324 3.78 3.13 28.36
CA PRO B 324 2.66 4.07 28.56
C PRO B 324 3.12 5.52 28.47
N HIS B 325 3.40 5.97 27.26
CA HIS B 325 4.04 7.26 27.03
C HIS B 325 3.03 8.39 27.26
N GLY B 326 2.82 8.75 28.52
CA GLY B 326 2.12 9.96 28.84
C GLY B 326 0.65 9.76 29.15
N PRO B 327 -0.22 10.38 28.34
CA PRO B 327 -1.66 10.26 28.60
C PRO B 327 -2.17 8.83 28.53
N TYR B 328 -1.56 8.00 27.69
CA TYR B 328 -2.01 6.63 27.46
C TYR B 328 -1.66 5.80 28.69
N LYS B 329 -2.51 5.94 29.71
CA LYS B 329 -2.18 5.64 31.10
C LYS B 329 -1.41 4.36 31.30
N SER B 330 -2.01 3.22 30.94
CA SER B 330 -1.50 1.92 31.34
C SER B 330 -1.13 1.09 30.11
N PHE B 331 -0.41 0.01 30.38
CA PHE B 331 -0.13 -0.97 29.36
C PHE B 331 -1.45 -1.58 28.88
N ASN B 332 -1.39 -2.22 27.71
CA ASN B 332 -2.59 -2.73 27.04
C ASN B 332 -3.61 -1.62 26.86
N TYR B 333 -3.16 -0.52 26.25
CA TYR B 333 -4.08 0.53 25.86
C TYR B 333 -4.90 0.06 24.67
N PRO B 334 -6.20 0.30 24.66
CA PRO B 334 -7.05 -0.27 23.62
C PRO B 334 -6.83 0.37 22.26
N TRP B 335 -5.68 0.10 21.64
CA TRP B 335 -5.47 0.56 20.28
C TRP B 335 -6.17 -0.41 19.34
N LYS B 336 -7.42 -0.71 19.64
CA LYS B 336 -8.19 -1.70 18.91
C LYS B 336 -9.53 -1.08 18.58
N ASN B 337 -9.89 -0.06 19.34
CA ASN B 337 -11.06 0.74 19.04
C ASN B 337 -10.73 1.91 18.13
N TYR B 338 -9.49 2.41 18.18
CA TYR B 338 -9.06 3.42 17.22
C TYR B 338 -9.07 2.87 15.81
N VAL B 339 -9.05 1.55 15.66
CA VAL B 339 -9.31 0.94 14.37
C VAL B 339 -10.75 0.43 14.30
N LYS B 340 -11.51 0.56 15.39
CA LYS B 340 -12.94 0.27 15.37
C LYS B 340 -13.77 1.55 15.22
N LEU B 341 -13.39 2.63 15.90
CA LEU B 341 -14.03 3.91 15.64
C LEU B 341 -13.72 4.38 14.23
N SER B 342 -12.46 4.25 13.81
CA SER B 342 -12.13 4.48 12.41
C SER B 342 -12.64 3.36 11.52
N GLY B 343 -13.21 2.31 12.10
CA GLY B 343 -13.91 1.33 11.30
C GLY B 343 -15.35 1.73 11.04
N ALA B 344 -16.04 2.20 12.07
CA ALA B 344 -17.42 2.65 11.89
C ALA B 344 -17.49 3.93 11.10
N LEU B 345 -16.44 4.74 11.11
CA LEU B 345 -16.40 5.96 10.30
C LEU B 345 -16.15 5.63 8.83
N LYS B 346 -15.13 4.81 8.57
CA LYS B 346 -14.87 4.36 7.20
C LYS B 346 -16.06 3.59 6.64
N HIS B 347 -16.91 3.03 7.49
CA HIS B 347 -18.15 2.44 7.02
C HIS B 347 -19.24 3.49 6.84
N CYS B 348 -19.13 4.62 7.53
CA CYS B 348 -20.05 5.72 7.34
C CYS B 348 -19.66 6.60 6.16
N ALA B 349 -18.40 6.54 5.74
CA ALA B 349 -17.92 7.25 4.56
C ALA B 349 -18.03 6.42 3.30
N PHE B 350 -18.89 5.41 3.28
CA PHE B 350 -19.21 4.70 2.05
C PHE B 350 -20.53 5.16 1.43
N THR B 351 -21.26 6.05 2.10
CA THR B 351 -22.32 6.75 1.41
C THR B 351 -21.81 8.04 0.79
N VAL B 352 -20.92 8.76 1.49
CA VAL B 352 -20.33 9.96 0.93
C VAL B 352 -19.57 9.64 -0.35
N MET B 353 -19.11 8.40 -0.51
CA MET B 353 -18.64 7.94 -1.82
C MET B 353 -19.77 8.02 -2.83
N ALA B 354 -20.82 7.22 -2.64
CA ALA B 354 -21.95 7.24 -3.56
C ALA B 354 -22.66 8.58 -3.55
N LEU B 355 -22.55 9.33 -2.44
CA LEU B 355 -23.09 10.67 -2.42
C LEU B 355 -22.36 11.56 -3.40
N HIS B 356 -21.05 11.36 -3.54
CA HIS B 356 -20.26 12.09 -4.54
C HIS B 356 -20.52 11.53 -5.93
N GLY B 357 -20.67 10.22 -6.06
CA GLY B 357 -20.89 9.63 -7.36
C GLY B 357 -22.11 10.19 -8.06
N CYS B 358 -23.11 10.64 -7.29
CA CYS B 358 -24.31 11.21 -7.90
C CYS B 358 -24.03 12.54 -8.58
N ILE B 359 -22.99 13.25 -8.16
CA ILE B 359 -22.65 14.49 -8.85
C ILE B 359 -21.69 14.25 -10.01
N LEU B 360 -20.96 13.14 -10.00
CA LEU B 360 -20.12 12.73 -11.12
C LEU B 360 -20.84 11.82 -12.09
N SER B 361 -22.05 11.40 -11.78
CA SER B 361 -22.75 10.44 -12.61
C SER B 361 -23.16 11.07 -13.94
N GLU B 362 -23.19 10.25 -14.98
CA GLU B 362 -23.59 10.73 -16.30
C GLU B 362 -25.07 11.06 -16.37
N ILE B 363 -25.83 10.79 -15.32
CA ILE B 363 -27.25 11.14 -15.24
C ILE B 363 -27.47 11.82 -13.90
N GLN B 364 -27.90 13.09 -13.93
CA GLN B 364 -28.15 13.83 -12.70
C GLN B 364 -29.35 14.75 -12.91
N ALA B 365 -29.98 15.11 -11.80
CA ALA B 365 -31.21 15.89 -11.85
C ALA B 365 -30.93 17.28 -12.42
N PRO B 366 -31.92 17.91 -13.03
CA PRO B 366 -31.70 19.24 -13.62
C PRO B 366 -31.56 20.30 -12.54
N GLU B 367 -30.92 21.40 -12.92
CA GLU B 367 -30.72 22.50 -11.99
C GLU B 367 -32.03 22.96 -11.39
N GLU B 368 -33.03 23.25 -12.24
CA GLU B 368 -34.27 23.84 -11.76
C GLU B 368 -35.01 22.93 -10.79
N ARG B 369 -34.77 21.63 -10.82
CA ARG B 369 -35.45 20.72 -9.92
C ARG B 369 -34.66 20.44 -8.65
N ARG B 370 -33.33 20.49 -8.70
CA ARG B 370 -32.54 20.44 -7.47
C ARG B 370 -32.93 21.57 -6.54
N GLN B 371 -33.02 22.80 -7.09
CA GLN B 371 -33.32 23.97 -6.29
C GLN B 371 -34.81 24.10 -6.02
N VAL B 372 -35.43 23.03 -5.54
CA VAL B 372 -36.74 23.07 -4.92
C VAL B 372 -36.59 22.41 -3.56
N PHE B 373 -35.60 21.52 -3.44
CA PHE B 373 -35.24 20.89 -2.18
C PHE B 373 -34.00 21.52 -1.56
N ARG B 374 -33.78 22.80 -1.83
CA ARG B 374 -32.51 23.42 -1.48
C ARG B 374 -32.31 23.50 0.02
N GLN B 375 -33.37 23.79 0.78
CA GLN B 375 -33.22 24.01 2.21
C GLN B 375 -32.90 22.72 2.95
N GLU B 376 -33.76 21.71 2.83
CA GLU B 376 -33.60 20.49 3.60
C GLU B 376 -32.37 19.71 3.17
N LEU B 377 -32.07 19.69 1.86
CA LEU B 377 -30.83 19.05 1.39
C LEU B 377 -29.61 19.74 1.99
N GLN B 378 -29.63 21.07 2.05
CA GLN B 378 -28.57 21.78 2.74
C GLN B 378 -28.67 21.59 4.24
N ARG B 379 -29.89 21.42 4.76
CA ARG B 379 -30.07 21.32 6.21
C ARG B 379 -29.39 20.10 6.77
N VAL B 380 -29.48 18.96 6.07
CA VAL B 380 -28.79 17.76 6.53
C VAL B 380 -27.28 17.94 6.41
N GLY B 381 -26.82 18.50 5.29
CA GLY B 381 -25.39 18.71 5.10
C GLY B 381 -24.80 19.67 6.12
N VAL B 382 -25.55 20.72 6.47
CA VAL B 382 -25.06 21.69 7.45
C VAL B 382 -24.91 21.02 8.81
N GLU B 383 -26.02 20.55 9.38
CA GLU B 383 -25.96 19.97 10.72
C GLU B 383 -25.24 18.64 10.72
N GLY B 384 -25.33 17.88 9.62
CA GLY B 384 -24.67 16.58 9.58
C GLY B 384 -23.17 16.69 9.71
N ALA B 385 -22.58 17.76 9.20
CA ALA B 385 -21.15 17.95 9.36
C ALA B 385 -20.82 18.44 10.77
N LYS B 386 -21.67 19.29 11.35
CA LYS B 386 -21.36 19.87 12.66
C LYS B 386 -21.16 18.78 13.71
N LEU B 387 -22.00 17.75 13.70
CA LEU B 387 -21.81 16.63 14.60
C LEU B 387 -20.50 15.90 14.29
N LEU B 388 -20.30 15.53 13.03
CA LEU B 388 -19.15 14.71 12.68
C LEU B 388 -17.85 15.50 12.79
N ARG B 389 -17.92 16.83 12.78
CA ARG B 389 -16.73 17.62 13.11
C ARG B 389 -16.40 17.50 14.59
N GLU B 390 -17.39 17.63 15.46
CA GLU B 390 -17.13 17.61 16.90
C GLU B 390 -17.12 16.19 17.44
N LEU B 391 -17.37 15.18 16.61
CA LEU B 391 -17.01 13.83 17.03
C LEU B 391 -15.50 13.66 17.06
N GLY B 392 -14.80 14.31 16.12
CA GLY B 392 -13.35 14.34 16.20
C GLY B 392 -12.85 15.05 17.44
N GLU B 393 -13.36 16.26 17.68
CA GLU B 393 -13.00 17.02 18.88
C GLU B 393 -13.34 16.27 20.16
N LYS B 394 -14.09 15.17 20.07
CA LYS B 394 -14.26 14.26 21.19
C LYS B 394 -13.25 13.13 21.16
N VAL B 395 -12.38 13.09 20.15
CA VAL B 395 -11.28 12.14 20.08
C VAL B 395 -9.94 12.82 20.29
N LYS B 396 -9.72 13.95 19.62
CA LYS B 396 -8.50 14.73 19.84
C LYS B 396 -8.36 15.08 21.30
N LYS B 397 -9.42 15.63 21.90
CA LYS B 397 -9.40 15.85 23.33
C LYS B 397 -9.56 14.53 24.09
N MET B 398 -10.05 13.50 23.41
CA MET B 398 -10.42 12.22 24.02
C MET B 398 -11.14 12.48 25.34
N GLU B 399 -12.25 13.20 25.22
CA GLU B 399 -12.88 13.81 26.38
C GLU B 399 -13.56 12.75 27.22
N LYS B 400 -13.00 12.48 28.39
CA LYS B 400 -13.60 11.55 29.33
C LYS B 400 -14.74 12.25 30.06
N LEU B 401 -15.67 12.85 29.30
CA LEU B 401 -16.85 13.48 29.85
C LEU B 401 -18.13 12.97 29.20
N GLY B 402 -18.13 12.77 27.88
CA GLY B 402 -19.22 12.09 27.22
C GLY B 402 -19.79 12.78 26.00
N PRO B 403 -20.18 11.97 25.00
CA PRO B 403 -21.05 12.36 23.86
C PRO B 403 -22.54 12.17 24.11
N VAL B 404 -23.17 13.11 24.81
CA VAL B 404 -24.54 12.96 25.26
C VAL B 404 -25.54 13.49 24.23
N ASP B 405 -26.32 12.58 23.66
CA ASP B 405 -27.45 12.88 22.77
C ASP B 405 -27.03 13.81 21.64
N LEU B 406 -26.14 13.28 20.79
CA LEU B 406 -25.56 14.09 19.72
C LEU B 406 -26.50 14.26 18.52
N LEU B 407 -27.26 13.24 18.17
CA LEU B 407 -27.90 13.19 16.86
C LEU B 407 -29.32 13.72 16.83
N PHE B 408 -29.75 14.60 17.73
CA PHE B 408 -31.15 15.00 17.70
C PHE B 408 -31.43 15.86 16.48
N GLU B 409 -30.60 16.86 16.22
CA GLU B 409 -30.88 17.79 15.14
C GLU B 409 -30.60 17.21 13.76
N VAL B 410 -29.83 16.12 13.67
CA VAL B 410 -29.70 15.44 12.39
C VAL B 410 -30.89 14.53 12.16
N HIS B 411 -31.43 13.94 13.23
CA HIS B 411 -32.63 13.12 13.10
C HIS B 411 -33.81 13.97 12.66
N LEU B 412 -34.01 15.12 13.32
CA LEU B 412 -35.06 16.04 12.90
C LEU B 412 -34.81 16.49 11.46
N ALA B 413 -33.55 16.76 11.10
CA ALA B 413 -33.25 17.21 9.75
C ALA B 413 -33.56 16.12 8.72
N ALA B 414 -33.23 14.87 9.05
CA ALA B 414 -33.53 13.77 8.13
C ALA B 414 -35.02 13.46 8.11
N GLU B 415 -35.68 13.55 9.26
CA GLU B 415 -37.10 13.22 9.33
C GLU B 415 -37.94 14.18 8.49
N GLU B 416 -37.71 15.48 8.62
CA GLU B 416 -38.49 16.43 7.85
C GLU B 416 -37.94 16.60 6.44
N LEU B 417 -36.75 16.07 6.15
CA LEU B 417 -36.34 15.95 4.75
C LEU B 417 -37.23 14.95 4.03
N GLN B 418 -37.46 13.80 4.64
CA GLN B 418 -38.38 12.82 4.08
C GLN B 418 -39.80 13.37 4.02
N HIS B 419 -40.23 14.05 5.07
CA HIS B 419 -41.56 14.64 5.01
C HIS B 419 -41.62 15.81 4.05
N LYS B 420 -40.46 16.36 3.66
CA LYS B 420 -40.44 17.40 2.63
C LYS B 420 -40.60 16.83 1.24
N ILE B 421 -40.12 15.60 1.02
CA ILE B 421 -40.29 14.93 -0.26
C ILE B 421 -41.62 14.18 -0.31
N ASP B 422 -42.36 14.16 0.80
CA ASP B 422 -43.70 13.60 0.76
C ASP B 422 -44.66 14.50 0.01
N LYS B 423 -44.48 15.82 0.07
CA LYS B 423 -45.34 16.71 -0.70
C LYS B 423 -44.90 16.77 -2.16
N LYS B 424 -43.67 17.21 -2.40
CA LYS B 424 -43.17 17.41 -3.76
C LYS B 424 -42.51 16.13 -4.26
N SER B 425 -43.34 15.09 -4.39
CA SER B 425 -42.90 13.82 -4.92
C SER B 425 -43.13 13.68 -6.41
N TYR B 426 -44.06 14.46 -6.97
CA TYR B 426 -44.32 14.40 -8.40
C TYR B 426 -43.12 14.83 -9.24
N LEU B 427 -42.14 15.49 -8.64
CA LEU B 427 -40.90 15.79 -9.32
C LEU B 427 -39.95 14.60 -9.39
N LEU B 428 -40.35 13.45 -8.85
CA LEU B 428 -39.48 12.29 -8.83
C LEU B 428 -39.95 11.14 -9.72
N VAL B 429 -41.25 11.08 -10.02
CA VAL B 429 -41.83 10.03 -10.85
C VAL B 429 -42.89 10.66 -11.75
N ASN B 430 -43.46 9.84 -12.62
CA ASN B 430 -44.47 10.31 -13.56
C ASN B 430 -45.79 10.57 -12.83
N THR B 528 -37.63 6.51 -20.26
CA THR B 528 -36.30 6.31 -20.81
C THR B 528 -35.28 7.21 -20.13
N TYR B 529 -35.18 8.44 -20.62
CA TYR B 529 -34.26 9.43 -20.04
C TYR B 529 -35.01 10.61 -19.44
N GLU B 530 -36.21 10.90 -19.94
CA GLU B 530 -37.00 11.98 -19.36
C GLU B 530 -37.36 11.71 -17.90
N SER B 531 -37.31 10.45 -17.48
CA SER B 531 -37.56 10.09 -16.10
C SER B 531 -36.35 9.47 -15.41
N ALA B 532 -35.26 9.21 -16.14
CA ALA B 532 -34.05 8.73 -15.49
C ALA B 532 -33.29 9.87 -14.84
N SER B 533 -33.36 11.07 -15.42
CA SER B 533 -32.76 12.24 -14.80
C SER B 533 -33.61 12.74 -13.64
N ALA B 534 -34.91 12.73 -13.67
CA ALA B 534 -35.67 13.17 -12.54
C ALA B 534 -35.38 12.36 -11.39
N LEU B 535 -35.49 11.11 -11.60
CA LEU B 535 -35.22 10.19 -10.55
C LEU B 535 -33.88 10.08 -10.02
N SER B 536 -32.85 10.72 -10.49
CA SER B 536 -31.65 10.74 -9.76
C SER B 536 -31.66 11.72 -8.75
N LEU B 537 -32.56 12.64 -8.70
CA LEU B 537 -32.69 13.52 -7.60
C LEU B 537 -33.34 12.62 -6.58
N ALA B 538 -34.26 11.67 -6.90
CA ALA B 538 -34.58 10.74 -5.78
C ALA B 538 -33.43 9.97 -5.34
N THR B 539 -32.49 9.52 -6.15
CA THR B 539 -31.35 8.88 -5.57
C THR B 539 -30.63 9.79 -4.72
N PHE B 540 -30.54 11.11 -4.58
CA PHE B 540 -29.61 11.74 -3.58
C PHE B 540 -30.23 11.93 -2.40
N ALA B 541 -31.46 12.24 -2.36
CA ALA B 541 -32.17 12.34 -1.20
C ALA B 541 -32.19 11.06 -0.58
N SER B 542 -32.14 9.88 -1.18
CA SER B 542 -32.14 8.77 -0.26
C SER B 542 -30.92 8.01 -0.11
N LEU B 543 -29.85 8.60 -0.50
CA LEU B 543 -28.46 8.36 -0.15
C LEU B 543 -27.96 9.31 0.92
N LEU B 544 -28.79 10.28 1.31
CA LEU B 544 -28.39 11.19 2.38
C LEU B 544 -29.13 10.86 3.67
N ILE B 545 -30.36 10.36 3.57
CA ILE B 545 -31.02 9.82 4.75
C ILE B 545 -30.30 8.58 5.25
N GLU B 546 -29.76 7.79 4.33
CA GLU B 546 -29.00 6.61 4.72
C GLU B 546 -27.75 7.01 5.52
N PHE B 547 -27.07 8.06 5.10
CA PHE B 547 -25.90 8.53 5.84
C PHE B 547 -26.27 8.97 7.25
N VAL B 548 -27.51 9.42 7.44
CA VAL B 548 -27.97 9.74 8.79
C VAL B 548 -28.10 8.46 9.61
N ALA B 549 -28.51 7.37 8.99
CA ALA B 549 -28.66 6.10 9.70
C ALA B 549 -27.31 5.43 9.95
N ARG B 550 -26.37 5.57 9.02
CA ARG B 550 -25.03 5.05 9.26
C ARG B 550 -24.34 5.79 10.39
N LEU B 551 -24.89 6.94 10.80
CA LEU B 551 -24.28 7.80 11.80
C LEU B 551 -24.67 7.44 13.23
N GLN B 552 -25.62 6.52 13.40
CA GLN B 552 -25.93 5.98 14.72
C GLN B 552 -24.95 4.89 15.08
N ASN B 553 -24.39 4.21 14.07
CA ASN B 553 -23.43 3.15 14.33
C ASN B 553 -22.14 3.71 14.92
N VAL B 554 -21.70 4.87 14.44
CA VAL B 554 -20.42 5.41 14.88
C VAL B 554 -20.48 5.82 16.34
N VAL B 555 -21.53 6.54 16.73
CA VAL B 555 -21.62 7.05 18.09
C VAL B 555 -21.63 5.92 19.10
N ASP B 556 -22.17 4.76 18.71
CA ASP B 556 -22.07 3.60 19.58
C ASP B 556 -20.67 2.99 19.53
N ALA B 557 -20.08 2.93 18.34
CA ALA B 557 -18.71 2.44 18.19
C ALA B 557 -17.69 3.42 18.74
N PHE B 558 -18.12 4.57 19.23
CA PHE B 558 -17.26 5.49 19.93
C PHE B 558 -17.65 5.62 21.39
N LYS B 559 -18.86 5.19 21.76
CA LYS B 559 -19.25 5.20 23.16
C LYS B 559 -18.52 4.11 23.94
N GLU B 560 -18.25 2.97 23.29
CA GLU B 560 -17.40 1.97 23.92
C GLU B 560 -15.99 2.50 24.12
N LEU B 561 -15.45 3.18 23.11
CA LEU B 561 -14.10 3.72 23.20
C LEU B 561 -14.02 4.87 24.21
N SER B 562 -15.10 5.62 24.39
CA SER B 562 -15.03 6.77 25.30
C SER B 562 -14.92 6.33 26.75
N GLN B 563 -15.55 5.20 27.10
CA GLN B 563 -15.61 4.75 28.49
C GLN B 563 -14.40 3.91 28.87
N LYS B 564 -14.16 2.81 28.15
CA LYS B 564 -13.15 1.86 28.61
C LYS B 564 -11.72 2.32 28.34
N ALA B 565 -11.50 3.08 27.27
CA ALA B 565 -10.15 3.56 26.98
C ALA B 565 -9.69 4.54 28.05
C1 CIT C . 32.92 -7.03 3.97
O1 CIT C . 32.81 -8.16 4.48
O2 CIT C . 34.01 -6.61 3.49
C2 CIT C . 31.72 -6.13 3.91
C3 CIT C . 30.79 -6.46 5.06
O7 CIT C . 30.67 -7.89 5.17
C4 CIT C . 31.31 -5.91 6.37
C5 CIT C . 32.45 -6.77 6.88
O3 CIT C . 32.16 -7.73 7.63
O4 CIT C . 33.61 -6.50 6.53
C6 CIT C . 29.42 -5.88 4.78
O5 CIT C . 28.63 -6.53 4.05
O6 CIT C . 29.13 -4.76 5.27
#